data_5N5F
#
_entry.id   5N5F
#
_cell.length_a   91.629
_cell.length_b   92.652
_cell.length_c   119.291
_cell.angle_alpha   90.00
_cell.angle_beta   106.94
_cell.angle_gamma   90.00
#
_symmetry.space_group_name_H-M   'C 1 2 1'
#
loop_
_entity.id
_entity.type
_entity.pdbx_description
1 polymer 'encapsulated ferritin'
2 non-polymer 'SODIUM ION'
3 water water
#
_entity_poly.entity_id   1
_entity_poly.type   'polypeptide(L)'
_entity_poly.pdbx_seq_one_letter_code
;MGSSEQLHEPAELLSEETKNMHRALVTLIEELEAVDWYQQRADACSEPGLHDVLIHNKNEEVEHAMMTLEWIRRRSPVFD
AHMRTYLFTERPILELEE
;
_entity_poly.pdbx_strand_id   A,B,C,D,E,F,G,H,I,J
#
loop_
_chem_comp.id
_chem_comp.type
_chem_comp.name
_chem_comp.formula
NA non-polymer 'SODIUM ION' 'Na 1'
#
# COMPACT_ATOMS: atom_id res chain seq x y z
N GLN A 6 -12.98 -2.85 -4.92
CA GLN A 6 -13.09 -1.90 -3.82
C GLN A 6 -14.03 -2.44 -2.73
N LEU A 7 -15.09 -3.11 -3.16
CA LEU A 7 -16.00 -3.74 -2.20
C LEU A 7 -15.28 -4.82 -1.40
N HIS A 8 -15.67 -4.96 -0.14
CA HIS A 8 -15.10 -5.96 0.76
C HIS A 8 -15.92 -7.24 0.82
N GLU A 9 -16.97 -7.35 0.03
CA GLU A 9 -17.87 -8.49 0.05
C GLU A 9 -18.31 -8.79 -1.37
N PRO A 10 -18.74 -10.03 -1.65
CA PRO A 10 -19.26 -10.34 -2.98
C PRO A 10 -20.50 -9.51 -3.28
N ALA A 11 -20.55 -8.98 -4.50
CA ALA A 11 -21.59 -8.01 -4.86
C ALA A 11 -22.98 -8.64 -4.80
N GLU A 12 -23.10 -9.91 -5.17
CA GLU A 12 -24.41 -10.56 -5.22
C GLU A 12 -25.03 -10.72 -3.84
N LEU A 13 -24.27 -10.56 -2.76
CA LEU A 13 -24.83 -10.58 -1.41
C LEU A 13 -25.23 -9.20 -0.92
N LEU A 14 -24.76 -8.14 -1.57
CA LEU A 14 -25.07 -6.79 -1.17
C LEU A 14 -26.28 -6.28 -1.95
N SER A 15 -27.14 -5.53 -1.26
CA SER A 15 -28.28 -4.91 -1.92
C SER A 15 -27.80 -3.79 -2.84
N GLU A 16 -28.62 -3.50 -3.85
CA GLU A 16 -28.29 -2.41 -4.76
C GLU A 16 -28.16 -1.09 -4.01
N GLU A 17 -28.94 -0.90 -2.95
CA GLU A 17 -28.84 0.32 -2.16
C GLU A 17 -27.50 0.39 -1.43
N THR A 18 -27.01 -0.74 -0.92
CA THR A 18 -25.69 -0.75 -0.29
C THR A 18 -24.61 -0.42 -1.31
N LYS A 19 -24.69 -1.02 -2.50
CA LYS A 19 -23.66 -0.77 -3.51
C LYS A 19 -23.70 0.67 -4.00
N ASN A 20 -24.90 1.24 -4.18
CA ASN A 20 -24.97 2.64 -4.59
C ASN A 20 -24.49 3.56 -3.48
N MET A 21 -24.80 3.23 -2.22
CA MET A 21 -24.30 4.01 -1.11
C MET A 21 -22.78 3.95 -1.03
N HIS A 22 -22.21 2.77 -1.26
CA HIS A 22 -20.77 2.64 -1.29
C HIS A 22 -20.17 3.58 -2.32
N ARG A 23 -20.74 3.60 -3.53
CA ARG A 23 -20.23 4.49 -4.57
C ARG A 23 -20.24 5.93 -4.10
N ALA A 24 -21.34 6.37 -3.49
CA ALA A 24 -21.43 7.76 -3.05
C ALA A 24 -20.50 8.01 -1.86
N LEU A 25 -20.35 7.02 -0.97
CA LEU A 25 -19.52 7.23 0.22
C LEU A 25 -18.05 7.38 -0.15
N VAL A 26 -17.55 6.59 -1.11
CA VAL A 26 -16.15 6.75 -1.49
C VAL A 26 -15.95 8.04 -2.27
N THR A 27 -16.98 8.48 -3.00
CA THR A 27 -16.88 9.76 -3.70
C THR A 27 -16.74 10.91 -2.70
N LEU A 28 -17.59 10.93 -1.68
CA LEU A 28 -17.48 11.93 -0.63
C LEU A 28 -16.11 11.87 0.04
N ILE A 29 -15.62 10.66 0.31
CA ILE A 29 -14.31 10.49 0.92
C ILE A 29 -13.23 11.13 0.06
N GLU A 30 -13.21 10.79 -1.24
CA GLU A 30 -12.19 11.34 -2.13
C GLU A 30 -12.28 12.86 -2.19
N GLU A 31 -13.50 13.39 -2.19
CA GLU A 31 -13.66 14.84 -2.25
C GLU A 31 -13.17 15.50 -0.97
N LEU A 32 -13.43 14.88 0.18
CA LEU A 32 -12.92 15.42 1.44
C LEU A 32 -11.40 15.32 1.51
N GLU A 33 -10.83 14.26 0.97
CA GLU A 33 -9.38 14.14 0.94
C GLU A 33 -8.75 15.26 0.10
N ALA A 34 -9.37 15.59 -1.03
CA ALA A 34 -8.88 16.72 -1.83
C ALA A 34 -8.91 18.02 -1.03
N VAL A 35 -9.96 18.23 -0.22
CA VAL A 35 -10.03 19.45 0.58
C VAL A 35 -8.82 19.55 1.49
N ASP A 36 -8.46 18.45 2.14
CA ASP A 36 -7.30 18.46 3.01
C ASP A 36 -6.00 18.68 2.23
N TRP A 37 -5.80 17.90 1.17
CA TRP A 37 -4.53 17.94 0.44
C TRP A 37 -4.32 19.31 -0.22
N TYR A 38 -5.36 19.85 -0.84
CA TYR A 38 -5.22 21.15 -1.50
C TYR A 38 -4.81 22.23 -0.50
N GLN A 39 -5.42 22.23 0.68
CA GLN A 39 -5.08 23.24 1.69
C GLN A 39 -3.63 23.08 2.14
N GLN A 40 -3.18 21.86 2.36
CA GLN A 40 -1.79 21.63 2.77
C GLN A 40 -0.84 22.15 1.70
N ARG A 41 -1.10 21.82 0.43
CA ARG A 41 -0.20 22.24 -0.64
C ARG A 41 -0.26 23.75 -0.86
N ALA A 42 -1.43 24.37 -0.67
CA ALA A 42 -1.51 25.81 -0.79
C ALA A 42 -0.75 26.51 0.33
N ASP A 43 -0.79 25.95 1.54
CA ASP A 43 -0.01 26.50 2.65
C ASP A 43 1.48 26.49 2.32
N ALA A 44 2.01 25.33 1.91
CA ALA A 44 3.43 25.20 1.61
C ALA A 44 3.79 25.85 0.27
N CYS A 45 2.80 26.11 -0.58
CA CYS A 45 3.06 26.77 -1.86
C CYS A 45 3.80 28.08 -1.63
N SER A 46 4.82 28.33 -2.46
CA SER A 46 5.59 29.57 -2.41
C SER A 46 5.31 30.50 -3.57
N GLU A 47 4.53 30.07 -4.57
CA GLU A 47 4.17 30.89 -5.71
C GLU A 47 2.72 31.33 -5.60
N PRO A 48 2.41 32.63 -5.67
CA PRO A 48 1.01 33.05 -5.44
C PRO A 48 0.04 32.53 -6.48
N GLY A 49 0.45 32.43 -7.74
CA GLY A 49 -0.45 31.96 -8.79
C GLY A 49 -1.00 30.57 -8.51
N LEU A 50 -0.12 29.64 -8.14
CA LEU A 50 -0.57 28.30 -7.83
C LEU A 50 -1.45 28.29 -6.58
N HIS A 51 -1.15 29.15 -5.61
CA HIS A 51 -1.93 29.22 -4.38
C HIS A 51 -3.39 29.53 -4.66
N ASP A 52 -3.65 30.55 -5.47
CA ASP A 52 -5.03 30.95 -5.75
C ASP A 52 -5.78 29.84 -6.47
N VAL A 53 -5.10 29.10 -7.34
CA VAL A 53 -5.77 28.02 -8.07
C VAL A 53 -6.13 26.88 -7.13
N LEU A 54 -5.23 26.57 -6.19
CA LEU A 54 -5.50 25.47 -5.26
C LEU A 54 -6.66 25.78 -4.33
N ILE A 55 -6.73 27.01 -3.83
CA ILE A 55 -7.82 27.37 -2.92
C ILE A 55 -9.16 27.38 -3.66
N HIS A 56 -9.15 27.87 -4.91
CA HIS A 56 -10.39 27.92 -5.68
C HIS A 56 -10.92 26.53 -5.95
N ASN A 57 -10.06 25.60 -6.36
CA ASN A 57 -10.51 24.24 -6.63
C ASN A 57 -10.80 23.49 -5.33
N LYS A 58 -10.05 23.78 -4.27
CA LYS A 58 -10.40 23.26 -2.95
C LYS A 58 -11.86 23.57 -2.62
N ASN A 59 -12.27 24.82 -2.79
CA ASN A 59 -13.61 25.22 -2.41
C ASN A 59 -14.67 24.54 -3.27
N GLU A 60 -14.36 24.27 -4.54
CA GLU A 60 -15.31 23.52 -5.36
C GLU A 60 -15.36 22.06 -4.97
N GLU A 61 -14.26 21.50 -4.45
CA GLU A 61 -14.31 20.16 -3.88
C GLU A 61 -15.25 20.11 -2.68
N VAL A 62 -15.27 21.18 -1.87
CA VAL A 62 -16.22 21.25 -0.76
C VAL A 62 -17.64 21.23 -1.30
N GLU A 63 -17.90 22.01 -2.35
CA GLU A 63 -19.23 21.99 -2.97
C GLU A 63 -19.59 20.59 -3.46
N HIS A 64 -18.65 19.91 -4.11
CA HIS A 64 -18.92 18.55 -4.60
C HIS A 64 -19.25 17.61 -3.45
N ALA A 65 -18.52 17.72 -2.33
CA ALA A 65 -18.76 16.86 -1.18
C ALA A 65 -20.16 17.07 -0.61
N MET A 66 -20.59 18.33 -0.51
CA MET A 66 -21.90 18.60 0.06
C MET A 66 -23.00 18.18 -0.89
N MET A 67 -22.77 18.23 -2.20
CA MET A 67 -23.73 17.69 -3.15
C MET A 67 -23.91 16.19 -2.92
N THR A 68 -22.79 15.47 -2.75
CA THR A 68 -22.87 14.03 -2.53
C THR A 68 -23.54 13.72 -1.20
N LEU A 69 -23.25 14.53 -0.17
CA LEU A 69 -23.82 14.27 1.14
C LEU A 69 -25.33 14.45 1.13
N GLU A 70 -25.82 15.45 0.39
CA GLU A 70 -27.26 15.63 0.24
C GLU A 70 -27.91 14.44 -0.45
N TRP A 71 -27.23 13.87 -1.45
CA TRP A 71 -27.77 12.68 -2.09
C TRP A 71 -27.83 11.52 -1.10
N ILE A 72 -26.81 11.39 -0.26
CA ILE A 72 -26.82 10.35 0.77
C ILE A 72 -27.96 10.60 1.75
N ARG A 73 -28.16 11.85 2.16
CA ARG A 73 -29.18 12.15 3.16
C ARG A 73 -30.57 11.77 2.67
N ARG A 74 -30.88 12.08 1.41
CA ARG A 74 -32.23 11.83 0.91
C ARG A 74 -32.58 10.35 0.88
N ARG A 75 -31.59 9.46 0.89
CA ARG A 75 -31.82 8.03 0.80
C ARG A 75 -31.39 7.26 2.05
N SER A 76 -30.93 7.95 3.09
CA SER A 76 -30.44 7.29 4.31
C SER A 76 -31.14 7.88 5.52
N PRO A 77 -32.12 7.17 6.09
CA PRO A 77 -32.76 7.67 7.31
C PRO A 77 -31.78 7.97 8.43
N VAL A 78 -30.70 7.19 8.55
CA VAL A 78 -29.78 7.41 9.66
C VAL A 78 -28.98 8.69 9.45
N PHE A 79 -28.57 8.97 8.21
CA PHE A 79 -27.90 10.25 7.94
C PHE A 79 -28.84 11.42 8.18
N ASP A 80 -30.08 11.31 7.71
CA ASP A 80 -31.03 12.40 7.92
C ASP A 80 -31.18 12.72 9.40
N ALA A 81 -31.43 11.69 10.21
CA ALA A 81 -31.65 11.91 11.64
C ALA A 81 -30.48 12.62 12.29
N HIS A 82 -29.26 12.11 12.08
CA HIS A 82 -28.10 12.69 12.75
C HIS A 82 -27.71 14.04 12.16
N MET A 83 -27.93 14.25 10.86
CA MET A 83 -27.71 15.57 10.30
C MET A 83 -28.66 16.60 10.90
N ARG A 84 -29.93 16.20 11.08
CA ARG A 84 -30.89 17.09 11.73
C ARG A 84 -30.42 17.49 13.12
N THR A 85 -29.78 16.56 13.84
CA THR A 85 -29.45 16.79 15.25
C THR A 85 -28.31 17.77 15.42
N TYR A 86 -27.28 17.69 14.57
CA TYR A 86 -26.03 18.38 14.84
C TYR A 86 -25.73 19.56 13.93
N LEU A 87 -26.20 19.55 12.67
CA LEU A 87 -25.76 20.53 11.69
C LEU A 87 -26.45 21.88 11.90
N PHE A 88 -25.68 22.95 11.75
CA PHE A 88 -26.18 24.32 11.88
C PHE A 88 -26.66 24.60 13.31
N THR A 89 -25.90 24.14 14.29
CA THR A 89 -26.21 24.30 15.70
C THR A 89 -25.24 25.29 16.35
N GLU A 90 -25.51 25.62 17.61
CA GLU A 90 -24.73 26.60 18.35
C GLU A 90 -24.14 26.08 19.65
N ARG A 91 -24.88 25.26 20.39
CA ARG A 91 -24.40 24.75 21.66
C ARG A 91 -23.14 23.90 21.46
N PRO A 92 -22.38 23.63 22.52
CA PRO A 92 -21.28 22.68 22.42
C PRO A 92 -21.76 21.35 21.84
N ILE A 93 -21.00 20.83 20.87
CA ILE A 93 -21.48 19.71 20.07
C ILE A 93 -21.88 18.53 20.95
N LEU A 94 -21.14 18.28 22.03
CA LEU A 94 -21.43 17.12 22.87
C LEU A 94 -22.79 17.26 23.56
N GLU A 95 -23.21 18.48 23.88
CA GLU A 95 -24.50 18.67 24.53
C GLU A 95 -25.66 18.22 23.64
N LEU A 96 -25.46 18.18 22.32
CA LEU A 96 -26.51 17.76 21.41
C LEU A 96 -26.57 16.24 21.32
N GLN B 6 6.00 12.64 0.58
CA GLN B 6 5.63 12.36 -0.80
C GLN B 6 6.83 12.52 -1.72
N LEU B 7 7.69 13.49 -1.41
CA LEU B 7 8.92 13.67 -2.16
C LEU B 7 9.84 12.47 -1.98
N HIS B 8 10.60 12.16 -3.04
CA HIS B 8 11.55 11.05 -3.03
C HIS B 8 12.97 11.52 -2.76
N GLU B 9 13.17 12.79 -2.44
CA GLU B 9 14.49 13.35 -2.17
C GLU B 9 14.33 14.39 -1.08
N PRO B 10 15.42 14.74 -0.39
CA PRO B 10 15.34 15.81 0.61
C PRO B 10 15.11 17.16 -0.05
N ALA B 11 14.32 18.00 0.63
CA ALA B 11 13.87 19.25 0.02
C ALA B 11 15.02 20.23 -0.20
N GLU B 12 15.98 20.27 0.71
CA GLU B 12 17.09 21.21 0.58
C GLU B 12 17.85 21.00 -0.72
N LEU B 13 17.84 19.78 -1.26
CA LEU B 13 18.52 19.50 -2.52
C LEU B 13 17.67 19.86 -3.74
N LEU B 14 16.37 20.09 -3.56
CA LEU B 14 15.48 20.39 -4.66
C LEU B 14 15.25 21.89 -4.77
N SER B 15 15.30 22.40 -5.99
CA SER B 15 14.97 23.80 -6.21
C SER B 15 13.52 24.06 -5.84
N GLU B 16 13.23 25.31 -5.48
CA GLU B 16 11.85 25.67 -5.13
C GLU B 16 10.93 25.50 -6.33
N GLU B 17 11.46 25.59 -7.56
CA GLU B 17 10.64 25.37 -8.74
C GLU B 17 10.29 23.89 -8.88
N THR B 18 11.23 23.01 -8.61
CA THR B 18 10.94 21.57 -8.64
C THR B 18 9.85 21.23 -7.63
N LYS B 19 9.92 21.80 -6.43
CA LYS B 19 8.94 21.47 -5.40
C LYS B 19 7.56 22.01 -5.75
N ASN B 20 7.50 23.22 -6.31
CA ASN B 20 6.21 23.75 -6.76
C ASN B 20 5.67 22.97 -7.95
N MET B 21 6.55 22.50 -8.83
CA MET B 21 6.12 21.63 -9.92
C MET B 21 5.60 20.30 -9.38
N HIS B 22 6.24 19.78 -8.33
CA HIS B 22 5.74 18.58 -7.68
C HIS B 22 4.31 18.77 -7.17
N ARG B 23 4.08 19.85 -6.43
CA ARG B 23 2.74 20.12 -5.91
C ARG B 23 1.72 20.19 -7.04
N ALA B 24 2.09 20.82 -8.17
CA ALA B 24 1.15 20.92 -9.27
C ALA B 24 0.94 19.59 -9.96
N LEU B 25 2.01 18.82 -10.16
CA LEU B 25 1.88 17.53 -10.84
C LEU B 25 1.06 16.54 -10.03
N VAL B 26 1.22 16.53 -8.69
CA VAL B 26 0.41 15.61 -7.91
C VAL B 26 -1.06 16.04 -7.94
N THR B 27 -1.31 17.35 -8.00
CA THR B 27 -2.69 17.83 -8.07
C THR B 27 -3.32 17.44 -9.40
N LEU B 28 -2.61 17.67 -10.51
CA LEU B 28 -3.10 17.24 -11.80
C LEU B 28 -3.36 15.74 -11.80
N ILE B 29 -2.44 14.96 -11.25
CA ILE B 29 -2.62 13.51 -11.16
C ILE B 29 -3.89 13.18 -10.38
N GLU B 30 -4.07 13.80 -9.22
CA GLU B 30 -5.24 13.49 -8.40
C GLU B 30 -6.53 13.86 -9.14
N GLU B 31 -6.52 14.96 -9.87
CA GLU B 31 -7.71 15.35 -10.62
C GLU B 31 -7.98 14.38 -11.76
N LEU B 32 -6.94 13.92 -12.45
CA LEU B 32 -7.14 12.94 -13.51
C LEU B 32 -7.64 11.62 -12.96
N GLU B 33 -7.23 11.25 -11.74
CA GLU B 33 -7.74 10.03 -11.14
C GLU B 33 -9.24 10.16 -10.84
N ALA B 34 -9.66 11.32 -10.35
CA ALA B 34 -11.08 11.57 -10.14
C ALA B 34 -11.87 11.42 -11.44
N VAL B 35 -11.30 11.87 -12.56
CA VAL B 35 -11.98 11.77 -13.85
C VAL B 35 -12.21 10.31 -14.21
N ASP B 36 -11.20 9.46 -14.00
CA ASP B 36 -11.36 8.05 -14.32
C ASP B 36 -12.34 7.36 -13.36
N TRP B 37 -12.20 7.63 -12.06
CA TRP B 37 -13.03 6.95 -11.07
C TRP B 37 -14.48 7.39 -11.13
N TYR B 38 -14.74 8.66 -11.45
CA TYR B 38 -16.13 9.11 -11.54
C TYR B 38 -16.84 8.46 -12.71
N GLN B 39 -16.17 8.36 -13.86
CA GLN B 39 -16.79 7.73 -15.02
C GLN B 39 -17.11 6.27 -14.73
N GLN B 40 -16.17 5.54 -14.12
CA GLN B 40 -16.42 4.15 -13.76
C GLN B 40 -17.63 4.02 -12.84
N ARG B 41 -17.70 4.86 -11.80
CA ARG B 41 -18.79 4.74 -10.85
C ARG B 41 -20.12 5.18 -11.46
N ALA B 42 -20.09 6.17 -12.36
CA ALA B 42 -21.32 6.58 -13.03
C ALA B 42 -21.82 5.49 -13.97
N ASP B 43 -20.90 4.77 -14.61
CA ASP B 43 -21.29 3.66 -15.48
C ASP B 43 -22.01 2.57 -14.71
N ALA B 44 -21.42 2.13 -13.59
CA ALA B 44 -22.01 1.08 -12.78
C ALA B 44 -23.19 1.58 -11.95
N CYS B 45 -23.33 2.89 -11.81
CA CYS B 45 -24.45 3.47 -11.08
C CYS B 45 -25.77 2.92 -11.59
N SER B 46 -26.72 2.71 -10.67
CA SER B 46 -28.06 2.26 -11.02
C SER B 46 -29.13 3.28 -10.65
N GLU B 47 -28.75 4.45 -10.15
CA GLU B 47 -29.69 5.50 -9.77
C GLU B 47 -29.44 6.72 -10.64
N PRO B 48 -30.42 7.22 -11.39
CA PRO B 48 -30.14 8.35 -12.30
C PRO B 48 -29.68 9.60 -11.58
N GLY B 49 -30.20 9.86 -10.37
CA GLY B 49 -29.81 11.06 -9.65
C GLY B 49 -28.33 11.07 -9.28
N LEU B 50 -27.82 9.94 -8.80
CA LEU B 50 -26.40 9.86 -8.48
C LEU B 50 -25.55 9.95 -9.73
N HIS B 51 -25.99 9.30 -10.81
CA HIS B 51 -25.24 9.35 -12.07
C HIS B 51 -24.97 10.79 -12.50
N ASP B 52 -26.02 11.61 -12.53
CA ASP B 52 -25.88 12.97 -13.04
C ASP B 52 -24.96 13.81 -12.16
N VAL B 53 -24.99 13.58 -10.85
CA VAL B 53 -24.07 14.27 -9.95
C VAL B 53 -22.63 13.86 -10.24
N LEU B 54 -22.41 12.57 -10.47
CA LEU B 54 -21.05 12.07 -10.71
C LEU B 54 -20.48 12.65 -12.00
N ILE B 55 -21.28 12.71 -13.06
CA ILE B 55 -20.81 13.25 -14.32
C ILE B 55 -20.55 14.75 -14.19
N HIS B 56 -21.47 15.47 -13.53
CA HIS B 56 -21.32 16.92 -13.40
C HIS B 56 -20.02 17.27 -12.68
N ASN B 57 -19.71 16.55 -11.61
CA ASN B 57 -18.50 16.85 -10.86
C ASN B 57 -17.26 16.30 -11.54
N LYS B 58 -17.40 15.16 -12.23
CA LYS B 58 -16.33 14.68 -13.09
C LYS B 58 -15.87 15.79 -14.03
N ASN B 59 -16.83 16.45 -14.68
CA ASN B 59 -16.50 17.48 -15.66
C ASN B 59 -15.79 18.66 -15.01
N GLU B 60 -16.13 18.99 -13.78
CA GLU B 60 -15.39 20.05 -13.08
C GLU B 60 -13.99 19.59 -12.69
N GLU B 61 -13.81 18.28 -12.46
CA GLU B 61 -12.46 17.78 -12.22
C GLU B 61 -11.59 17.94 -13.46
N VAL B 62 -12.17 17.72 -14.64
CA VAL B 62 -11.46 18.00 -15.89
C VAL B 62 -11.04 19.47 -15.91
N GLU B 63 -11.98 20.37 -15.61
CA GLU B 63 -11.66 21.79 -15.60
C GLU B 63 -10.53 22.11 -14.64
N HIS B 64 -10.52 21.45 -13.48
CA HIS B 64 -9.44 21.66 -12.53
C HIS B 64 -8.11 21.17 -13.09
N ALA B 65 -8.14 20.02 -13.78
CA ALA B 65 -6.92 19.46 -14.36
C ALA B 65 -6.32 20.40 -15.40
N MET B 66 -7.17 20.97 -16.26
CA MET B 66 -6.66 21.83 -17.32
C MET B 66 -6.24 23.20 -16.79
N MET B 67 -6.85 23.66 -15.70
CA MET B 67 -6.34 24.85 -15.01
C MET B 67 -4.94 24.59 -14.49
N THR B 68 -4.75 23.46 -13.80
CA THR B 68 -3.43 23.11 -13.28
C THR B 68 -2.42 22.93 -14.40
N LEU B 69 -2.83 22.28 -15.49
CA LEU B 69 -1.91 22.02 -16.60
C LEU B 69 -1.44 23.33 -17.22
N GLU B 70 -2.34 24.31 -17.35
CA GLU B 70 -1.95 25.60 -17.89
C GLU B 70 -0.94 26.28 -16.97
N TRP B 71 -1.09 26.14 -15.66
CA TRP B 71 -0.08 26.68 -14.76
C TRP B 71 1.27 26.01 -15.00
N ILE B 72 1.27 24.68 -15.15
CA ILE B 72 2.50 23.97 -15.45
C ILE B 72 3.10 24.47 -16.76
N ARG B 73 2.26 24.65 -17.79
CA ARG B 73 2.78 25.03 -19.10
C ARG B 73 3.48 26.39 -19.06
N ARG B 74 2.97 27.32 -18.26
CA ARG B 74 3.54 28.65 -18.21
C ARG B 74 4.91 28.70 -17.54
N ARG B 75 5.30 27.63 -16.83
CA ARG B 75 6.57 27.60 -16.11
C ARG B 75 7.46 26.44 -16.53
N SER B 76 7.05 25.66 -17.53
CA SER B 76 7.83 24.50 -17.97
C SER B 76 8.02 24.57 -19.48
N PRO B 77 9.21 24.96 -19.95
CA PRO B 77 9.45 25.00 -21.39
C PRO B 77 9.20 23.67 -22.09
N VAL B 78 9.45 22.53 -21.43
CA VAL B 78 9.27 21.26 -22.10
C VAL B 78 7.78 20.95 -22.25
N PHE B 79 6.97 21.25 -21.24
CA PHE B 79 5.52 21.09 -21.39
C PHE B 79 4.99 22.01 -22.49
N ASP B 80 5.48 23.24 -22.54
CA ASP B 80 5.04 24.18 -23.57
C ASP B 80 5.34 23.63 -24.96
N ALA B 81 6.59 23.20 -25.17
CA ALA B 81 7.00 22.73 -26.50
C ALA B 81 6.16 21.54 -26.95
N HIS B 82 6.06 20.51 -26.10
CA HIS B 82 5.35 19.31 -26.51
C HIS B 82 3.85 19.53 -26.60
N MET B 83 3.28 20.42 -25.78
CA MET B 83 1.88 20.77 -25.93
C MET B 83 1.65 21.49 -27.26
N ARG B 84 2.56 22.37 -27.66
CA ARG B 84 2.42 23.04 -28.94
C ARG B 84 2.41 22.04 -30.09
N THR B 85 3.17 20.94 -29.97
CA THR B 85 3.34 20.01 -31.08
C THR B 85 2.13 19.10 -31.27
N TYR B 86 1.40 18.77 -30.20
CA TYR B 86 0.41 17.70 -30.26
C TYR B 86 -1.03 18.12 -30.01
N LEU B 87 -1.27 19.17 -29.24
CA LEU B 87 -2.63 19.49 -28.82
C LEU B 87 -3.41 20.21 -29.92
N PHE B 88 -4.68 19.82 -30.07
CA PHE B 88 -5.57 20.41 -31.07
C PHE B 88 -5.08 20.14 -32.49
N THR B 89 -4.68 18.89 -32.74
CA THR B 89 -4.20 18.46 -34.04
C THR B 89 -5.21 17.51 -34.67
N GLU B 90 -4.97 17.19 -35.95
CA GLU B 90 -5.88 16.38 -36.74
C GLU B 90 -5.26 15.07 -37.21
N ARG B 91 -4.05 15.12 -37.76
CA ARG B 91 -3.43 13.94 -38.33
C ARG B 91 -3.09 12.91 -37.24
N PRO B 92 -2.81 11.67 -37.63
CA PRO B 92 -2.43 10.65 -36.64
C PRO B 92 -1.32 11.15 -35.73
N ILE B 93 -1.46 10.82 -34.44
CA ILE B 93 -0.60 11.40 -33.41
C ILE B 93 0.87 11.06 -33.68
N LEU B 94 1.16 9.81 -34.04
CA LEU B 94 2.55 9.40 -34.22
C LEU B 94 3.22 10.12 -35.38
N GLU B 95 2.45 10.70 -36.31
CA GLU B 95 3.02 11.42 -37.44
C GLU B 95 3.47 12.84 -37.07
N LEU B 96 3.19 13.29 -35.85
CA LEU B 96 3.57 14.63 -35.42
C LEU B 96 4.93 14.68 -34.72
N GLU B 97 5.53 13.53 -34.41
CA GLU B 97 6.81 13.50 -33.73
C GLU B 97 7.96 13.60 -34.75
N GLN C 6 11.48 1.14 7.04
CA GLN C 6 10.50 0.09 7.28
C GLN C 6 10.42 -0.24 8.77
N LEU C 7 11.30 0.37 9.56
CA LEU C 7 11.27 0.19 11.00
C LEU C 7 9.90 0.59 11.56
N HIS C 8 9.64 0.13 12.78
CA HIS C 8 8.39 0.44 13.46
C HIS C 8 8.56 1.42 14.61
N GLU C 9 9.79 1.75 15.01
CA GLU C 9 10.05 2.67 16.10
C GLU C 9 11.15 3.61 15.67
N PRO C 10 11.21 4.81 16.25
CA PRO C 10 12.33 5.71 15.95
C PRO C 10 13.66 5.06 16.26
N ALA C 11 14.67 5.38 15.45
CA ALA C 11 15.95 4.67 15.53
C ALA C 11 16.63 4.89 16.87
N GLU C 12 16.56 6.11 17.42
CA GLU C 12 17.29 6.41 18.64
C GLU C 12 16.77 5.65 19.86
N LEU C 13 15.60 5.03 19.78
CA LEU C 13 15.07 4.22 20.86
C LEU C 13 15.30 2.73 20.66
N LEU C 14 15.96 2.34 19.57
CA LEU C 14 16.30 0.95 19.31
C LEU C 14 17.80 0.76 19.47
N SER C 15 18.19 -0.32 20.15
CA SER C 15 19.60 -0.61 20.31
C SER C 15 20.21 -1.04 18.98
N GLU C 16 21.54 -0.93 18.89
CA GLU C 16 22.24 -1.32 17.68
C GLU C 16 21.96 -2.77 17.32
N GLU C 17 21.86 -3.65 18.33
CA GLU C 17 21.61 -5.06 18.07
C GLU C 17 20.23 -5.28 17.46
N THR C 18 19.22 -4.57 17.98
CA THR C 18 17.87 -4.71 17.44
C THR C 18 17.84 -4.33 15.96
N LYS C 19 18.51 -3.23 15.61
CA LYS C 19 18.48 -2.78 14.22
C LYS C 19 19.19 -3.77 13.30
N ASN C 20 20.36 -4.27 13.72
CA ASN C 20 21.07 -5.27 12.91
C ASN C 20 20.23 -6.53 12.74
N MET C 21 19.61 -7.00 13.82
CA MET C 21 18.72 -8.15 13.72
C MET C 21 17.58 -7.87 12.75
N HIS C 22 17.02 -6.65 12.79
CA HIS C 22 16.00 -6.26 11.83
C HIS C 22 16.51 -6.37 10.40
N ARG C 23 17.75 -5.95 10.15
CA ARG C 23 18.31 -6.04 8.79
C ARG C 23 18.39 -7.49 8.34
N ALA C 24 18.82 -8.38 9.23
CA ALA C 24 18.92 -9.80 8.87
C ALA C 24 17.55 -10.41 8.66
N LEU C 25 16.59 -10.09 9.53
CA LEU C 25 15.27 -10.71 9.43
C LEU C 25 14.56 -10.32 8.15
N VAL C 26 14.62 -9.04 7.77
CA VAL C 26 14.01 -8.61 6.52
C VAL C 26 14.69 -9.28 5.33
N THR C 27 16.01 -9.46 5.40
CA THR C 27 16.72 -10.16 4.33
C THR C 27 16.21 -11.59 4.18
N LEU C 28 16.06 -12.29 5.31
CA LEU C 28 15.53 -13.65 5.26
C LEU C 28 14.12 -13.67 4.66
N ILE C 29 13.28 -12.74 5.11
CA ILE C 29 11.90 -12.68 4.61
C ILE C 29 11.90 -12.49 3.09
N GLU C 30 12.64 -11.50 2.59
CA GLU C 30 12.65 -11.23 1.16
C GLU C 30 13.14 -12.46 0.37
N GLU C 31 14.15 -13.15 0.89
CA GLU C 31 14.63 -14.35 0.21
C GLU C 31 13.56 -15.44 0.23
N LEU C 32 12.88 -15.62 1.36
CA LEU C 32 11.80 -16.59 1.42
C LEU C 32 10.66 -16.20 0.48
N GLU C 33 10.37 -14.90 0.36
CA GLU C 33 9.38 -14.44 -0.60
C GLU C 33 9.78 -14.83 -2.02
N ALA C 34 11.07 -14.73 -2.35
CA ALA C 34 11.53 -15.06 -3.69
C ALA C 34 11.36 -16.55 -3.98
N VAL C 35 11.70 -17.39 -2.99
CA VAL C 35 11.45 -18.83 -3.10
C VAL C 35 10.00 -19.08 -3.52
N ASP C 36 9.07 -18.37 -2.88
CA ASP C 36 7.65 -18.60 -3.16
C ASP C 36 7.29 -18.10 -4.55
N TRP C 37 7.61 -16.83 -4.85
CA TRP C 37 7.21 -16.25 -6.13
C TRP C 37 7.86 -16.98 -7.30
N TYR C 38 9.12 -17.38 -7.17
CA TYR C 38 9.78 -18.08 -8.26
C TYR C 38 9.11 -19.43 -8.53
N GLN C 39 8.79 -20.17 -7.47
CA GLN C 39 8.08 -21.43 -7.65
C GLN C 39 6.76 -21.22 -8.38
N GLN C 40 5.99 -20.22 -7.96
CA GLN C 40 4.72 -19.94 -8.61
C GLN C 40 4.91 -19.62 -10.09
N ARG C 41 5.91 -18.78 -10.42
CA ARG C 41 6.13 -18.43 -11.81
C ARG C 41 6.57 -19.63 -12.63
N ALA C 42 7.50 -20.44 -12.10
CA ALA C 42 7.90 -21.66 -12.77
C ALA C 42 6.71 -22.54 -13.11
N ASP C 43 5.79 -22.72 -12.14
CA ASP C 43 4.64 -23.57 -12.38
C ASP C 43 3.81 -23.07 -13.56
N ALA C 44 3.47 -21.78 -13.55
CA ALA C 44 2.66 -21.21 -14.63
C ALA C 44 3.46 -20.91 -15.88
N CYS C 45 4.77 -21.14 -15.88
CA CYS C 45 5.61 -20.79 -17.02
C CYS C 45 5.40 -21.76 -18.17
N SER C 46 5.08 -21.22 -19.34
CA SER C 46 4.92 -22.02 -20.55
C SER C 46 6.10 -21.81 -21.49
N GLU C 47 7.31 -21.94 -20.98
CA GLU C 47 8.52 -21.83 -21.79
C GLU C 47 9.67 -22.51 -21.05
N PRO C 48 10.32 -23.52 -21.64
CA PRO C 48 11.32 -24.28 -20.86
C PRO C 48 12.47 -23.42 -20.34
N GLY C 49 13.03 -22.57 -21.19
CA GLY C 49 14.16 -21.75 -20.76
C GLY C 49 13.84 -20.93 -19.52
N LEU C 50 12.75 -20.17 -19.56
CA LEU C 50 12.37 -19.36 -18.42
C LEU C 50 12.07 -20.23 -17.20
N HIS C 51 11.32 -21.31 -17.41
CA HIS C 51 11.06 -22.25 -16.32
C HIS C 51 12.37 -22.75 -15.71
N ASP C 52 13.32 -23.14 -16.55
CA ASP C 52 14.59 -23.67 -16.05
C ASP C 52 15.35 -22.63 -15.25
N VAL C 53 15.34 -21.38 -15.70
CA VAL C 53 16.05 -20.32 -14.97
C VAL C 53 15.38 -20.06 -13.62
N LEU C 54 14.06 -19.95 -13.61
CA LEU C 54 13.34 -19.66 -12.37
C LEU C 54 13.63 -20.71 -11.30
N ILE C 55 13.55 -21.99 -11.66
CA ILE C 55 13.82 -23.05 -10.69
C ILE C 55 15.26 -22.97 -10.21
N HIS C 56 16.20 -22.63 -11.10
CA HIS C 56 17.58 -22.52 -10.69
C HIS C 56 17.80 -21.36 -9.72
N ASN C 57 17.19 -20.20 -10.01
CA ASN C 57 17.32 -19.06 -9.11
C ASN C 57 16.59 -19.31 -7.80
N LYS C 58 15.43 -19.98 -7.88
CA LYS C 58 14.70 -20.35 -6.67
C LYS C 58 15.59 -21.08 -5.68
N ASN C 59 16.31 -22.10 -6.15
CA ASN C 59 17.15 -22.89 -5.25
C ASN C 59 18.28 -22.06 -4.66
N GLU C 60 18.79 -21.08 -5.42
CA GLU C 60 19.85 -20.23 -4.89
C GLU C 60 19.32 -19.32 -3.79
N GLU C 61 18.07 -18.84 -3.93
CA GLU C 61 17.49 -18.02 -2.88
C GLU C 61 17.33 -18.81 -1.58
N VAL C 62 17.06 -20.12 -1.68
CA VAL C 62 17.01 -20.96 -0.48
C VAL C 62 18.36 -20.94 0.23
N GLU C 63 19.44 -21.00 -0.54
CA GLU C 63 20.78 -20.94 0.05
C GLU C 63 21.01 -19.60 0.74
N HIS C 64 20.69 -18.50 0.07
CA HIS C 64 20.80 -17.18 0.70
C HIS C 64 20.01 -17.14 2.00
N ALA C 65 18.82 -17.75 2.00
CA ALA C 65 17.99 -17.75 3.21
C ALA C 65 18.68 -18.48 4.35
N MET C 66 19.10 -19.72 4.11
CA MET C 66 19.72 -20.50 5.18
C MET C 66 21.04 -19.89 5.62
N MET C 67 21.77 -19.24 4.71
CA MET C 67 22.95 -18.50 5.10
C MET C 67 22.61 -17.42 6.12
N THR C 68 21.52 -16.67 5.86
CA THR C 68 21.13 -15.60 6.78
C THR C 68 20.63 -16.18 8.10
N LEU C 69 19.90 -17.30 8.05
CA LEU C 69 19.36 -17.89 9.27
C LEU C 69 20.48 -18.33 10.21
N GLU C 70 21.60 -18.81 9.65
CA GLU C 70 22.73 -19.19 10.49
C GLU C 70 23.30 -17.97 11.19
N TRP C 71 23.45 -16.85 10.48
CA TRP C 71 23.92 -15.63 11.12
C TRP C 71 23.02 -15.24 12.28
N ILE C 72 21.71 -15.40 12.11
CA ILE C 72 20.77 -15.09 13.20
C ILE C 72 20.97 -16.06 14.36
N ARG C 73 21.06 -17.35 14.05
CA ARG C 73 21.21 -18.35 15.11
C ARG C 73 22.39 -18.03 16.01
N ARG C 74 23.52 -17.63 15.42
CA ARG C 74 24.73 -17.37 16.19
C ARG C 74 24.59 -16.15 17.09
N ARG C 75 23.63 -15.27 16.84
CA ARG C 75 23.42 -14.08 17.66
C ARG C 75 22.09 -14.12 18.42
N SER C 76 21.43 -15.26 18.46
CA SER C 76 20.13 -15.39 19.13
C SER C 76 20.08 -16.71 19.86
N PRO C 77 20.27 -16.71 21.19
CA PRO C 77 20.06 -17.95 21.95
C PRO C 77 18.67 -18.54 21.78
N VAL C 78 17.65 -17.70 21.61
CA VAL C 78 16.29 -18.23 21.47
C VAL C 78 16.15 -18.99 20.15
N PHE C 79 16.59 -18.38 19.04
CA PHE C 79 16.61 -19.11 17.78
C PHE C 79 17.38 -20.42 17.92
N ASP C 80 18.53 -20.37 18.58
CA ASP C 80 19.37 -21.57 18.71
C ASP C 80 18.63 -22.67 19.47
N ALA C 81 18.02 -22.31 20.61
CA ALA C 81 17.34 -23.30 21.43
C ALA C 81 16.21 -23.98 20.66
N HIS C 82 15.39 -23.19 19.96
CA HIS C 82 14.25 -23.77 19.26
C HIS C 82 14.69 -24.53 18.01
N MET C 83 15.73 -24.07 17.32
CA MET C 83 16.23 -24.80 16.16
C MET C 83 16.68 -26.21 16.57
N ARG C 84 17.33 -26.34 17.73
CA ARG C 84 17.73 -27.65 18.21
C ARG C 84 16.53 -28.53 18.55
N THR C 85 15.42 -27.91 18.97
CA THR C 85 14.26 -28.70 19.38
C THR C 85 13.54 -29.29 18.17
N TYR C 86 13.39 -28.51 17.10
CA TYR C 86 12.52 -28.89 15.99
C TYR C 86 13.25 -29.35 14.73
N LEU C 87 14.34 -28.68 14.35
CA LEU C 87 14.97 -28.97 13.07
C LEU C 87 15.61 -30.35 13.07
N PHE C 88 15.44 -31.07 11.96
CA PHE C 88 16.03 -32.40 11.79
C PHE C 88 15.46 -33.41 12.77
N THR C 89 14.16 -33.70 12.64
CA THR C 89 13.48 -34.68 13.47
C THR C 89 12.51 -35.46 12.58
N GLU C 90 11.78 -36.40 13.17
CA GLU C 90 10.78 -37.18 12.45
C GLU C 90 9.46 -37.34 13.19
N ARG C 91 9.42 -37.17 14.51
CA ARG C 91 8.16 -37.25 15.22
C ARG C 91 7.22 -36.14 14.77
N PRO C 92 5.92 -36.26 15.04
CA PRO C 92 5.00 -35.17 14.68
C PRO C 92 5.44 -33.87 15.34
N ILE C 93 5.37 -32.79 14.56
CA ILE C 93 5.98 -31.53 14.97
C ILE C 93 5.41 -31.06 16.31
N LEU C 94 4.11 -31.26 16.52
CA LEU C 94 3.51 -30.81 17.78
C LEU C 94 3.97 -31.65 18.97
N GLU C 95 4.36 -32.90 18.73
CA GLU C 95 4.85 -33.74 19.83
C GLU C 95 6.19 -33.24 20.35
N LEU C 96 6.96 -32.57 19.52
CA LEU C 96 8.23 -32.00 19.97
C LEU C 96 7.96 -30.83 20.92
N GLU C 97 8.95 -30.54 21.75
CA GLU C 97 8.80 -29.49 22.75
C GLU C 97 10.14 -29.10 23.36
N GLN D 6 -2.83 -12.96 -2.14
CA GLN D 6 -1.41 -13.12 -1.87
C GLN D 6 -0.72 -13.81 -3.04
N LEU D 7 -1.44 -14.75 -3.67
CA LEU D 7 -0.88 -15.47 -4.81
C LEU D 7 -0.60 -14.52 -5.96
N HIS D 8 0.49 -14.79 -6.68
CA HIS D 8 0.88 -14.00 -7.84
C HIS D 8 0.43 -14.60 -9.16
N GLU D 9 -0.09 -15.81 -9.15
CA GLU D 9 -0.58 -16.50 -10.33
C GLU D 9 -1.96 -17.06 -10.05
N PRO D 10 -2.77 -17.31 -11.08
CA PRO D 10 -4.06 -17.96 -10.87
C PRO D 10 -3.86 -19.36 -10.31
N ALA D 11 -4.88 -19.83 -9.58
CA ALA D 11 -4.76 -21.08 -8.85
C ALA D 11 -4.68 -22.30 -9.78
N GLU D 12 -5.41 -22.26 -10.91
CA GLU D 12 -5.46 -23.41 -11.80
C GLU D 12 -4.11 -23.70 -12.46
N LEU D 13 -3.16 -22.78 -12.39
CA LEU D 13 -1.84 -23.00 -12.98
C LEU D 13 -0.80 -23.44 -11.96
N LEU D 14 -1.18 -23.53 -10.68
CA LEU D 14 -0.25 -23.89 -9.61
C LEU D 14 -0.61 -25.26 -9.07
N SER D 15 0.39 -26.12 -8.92
CA SER D 15 0.17 -27.43 -8.34
C SER D 15 -0.24 -27.28 -6.88
N GLU D 16 -0.65 -28.40 -6.28
CA GLU D 16 -1.06 -28.37 -4.88
C GLU D 16 0.14 -28.13 -3.98
N GLU D 17 1.26 -28.80 -4.24
CA GLU D 17 2.44 -28.63 -3.40
C GLU D 17 2.91 -27.18 -3.40
N THR D 18 2.81 -26.50 -4.55
CA THR D 18 3.20 -25.09 -4.61
C THR D 18 2.32 -24.24 -3.69
N LYS D 19 1.01 -24.43 -3.75
CA LYS D 19 0.10 -23.63 -2.93
C LYS D 19 0.32 -23.90 -1.45
N ASN D 20 0.39 -25.18 -1.07
CA ASN D 20 0.68 -25.50 0.32
C ASN D 20 2.04 -24.96 0.74
N MET D 21 3.01 -24.97 -0.16
CA MET D 21 4.30 -24.35 0.14
C MET D 21 4.16 -22.85 0.30
N HIS D 22 3.34 -22.22 -0.55
CA HIS D 22 3.05 -20.81 -0.40
C HIS D 22 2.47 -20.51 0.98
N ARG D 23 1.44 -21.26 1.38
CA ARG D 23 0.86 -21.06 2.71
C ARG D 23 1.91 -21.22 3.81
N ALA D 24 2.75 -22.25 3.70
CA ALA D 24 3.80 -22.46 4.69
C ALA D 24 4.78 -21.30 4.69
N LEU D 25 5.22 -20.87 3.50
CA LEU D 25 6.26 -19.83 3.43
C LEU D 25 5.76 -18.50 4.00
N VAL D 26 4.55 -18.08 3.62
CA VAL D 26 4.03 -16.82 4.15
C VAL D 26 3.82 -16.93 5.65
N THR D 27 3.45 -18.12 6.14
CA THR D 27 3.35 -18.32 7.59
C THR D 27 4.70 -18.04 8.26
N LEU D 28 5.77 -18.66 7.76
CA LEU D 28 7.09 -18.40 8.30
C LEU D 28 7.44 -16.91 8.19
N ILE D 29 7.14 -16.29 7.06
CA ILE D 29 7.40 -14.86 6.90
C ILE D 29 6.71 -14.07 7.98
N GLU D 30 5.39 -14.27 8.14
CA GLU D 30 4.64 -13.51 9.13
C GLU D 30 5.18 -13.72 10.54
N GLU D 31 5.57 -14.96 10.86
CA GLU D 31 6.15 -15.22 12.18
C GLU D 31 7.49 -14.51 12.34
N LEU D 32 8.32 -14.50 11.30
CA LEU D 32 9.58 -13.78 11.37
C LEU D 32 9.35 -12.27 11.50
N GLU D 33 8.32 -11.76 10.83
CA GLU D 33 8.00 -10.34 10.97
C GLU D 33 7.60 -10.01 12.41
N ALA D 34 6.89 -10.93 13.08
CA ALA D 34 6.52 -10.70 14.47
C ALA D 34 7.73 -10.66 15.38
N VAL D 35 8.68 -11.58 15.17
CA VAL D 35 9.93 -11.54 15.92
C VAL D 35 10.56 -10.15 15.81
N ASP D 36 10.64 -9.62 14.60
CA ASP D 36 11.26 -8.32 14.40
C ASP D 36 10.51 -7.22 15.13
N TRP D 37 9.19 -7.12 14.89
CA TRP D 37 8.43 -6.02 15.45
C TRP D 37 8.30 -6.14 16.97
N TYR D 38 8.14 -7.36 17.48
CA TYR D 38 8.03 -7.53 18.93
C TYR D 38 9.29 -7.04 19.63
N GLN D 39 10.46 -7.28 19.04
CA GLN D 39 11.70 -6.83 19.64
C GLN D 39 11.80 -5.30 19.61
N GLN D 40 11.47 -4.70 18.46
CA GLN D 40 11.56 -3.24 18.35
C GLN D 40 10.70 -2.55 19.41
N ARG D 41 9.44 -2.98 19.55
CA ARG D 41 8.57 -2.33 20.51
C ARG D 41 9.02 -2.60 21.95
N ALA D 42 9.58 -3.77 22.22
CA ALA D 42 10.11 -4.06 23.55
C ALA D 42 11.19 -3.04 23.93
N ASP D 43 12.12 -2.77 23.02
CA ASP D 43 13.17 -1.78 23.27
C ASP D 43 12.58 -0.41 23.58
N ALA D 44 11.55 0.00 22.84
CA ALA D 44 11.08 1.38 22.91
C ALA D 44 10.11 1.61 24.09
N CYS D 45 9.40 0.59 24.54
CA CYS D 45 8.40 0.80 25.57
C CYS D 45 9.05 1.04 26.93
N SER D 46 8.44 1.93 27.71
CA SER D 46 8.95 2.31 29.02
C SER D 46 8.08 1.74 30.14
N GLU D 47 7.55 0.53 29.94
CA GLU D 47 6.75 -0.13 30.97
C GLU D 47 7.20 -1.60 31.07
N PRO D 48 7.81 -2.01 32.18
CA PRO D 48 8.35 -3.37 32.24
C PRO D 48 7.29 -4.46 32.11
N GLY D 49 6.08 -4.21 32.59
CA GLY D 49 5.01 -5.19 32.41
C GLY D 49 4.81 -5.53 30.95
N LEU D 50 4.68 -4.51 30.09
CA LEU D 50 4.51 -4.74 28.67
C LEU D 50 5.79 -5.27 28.03
N HIS D 51 6.94 -4.79 28.50
CA HIS D 51 8.20 -5.30 27.98
C HIS D 51 8.28 -6.81 28.12
N ASP D 52 7.96 -7.34 29.32
CA ASP D 52 8.11 -8.77 29.56
C ASP D 52 7.15 -9.58 28.69
N VAL D 53 5.94 -9.06 28.47
CA VAL D 53 5.00 -9.74 27.60
C VAL D 53 5.53 -9.79 26.17
N LEU D 54 5.98 -8.64 25.67
CA LEU D 54 6.46 -8.58 24.28
C LEU D 54 7.62 -9.54 24.05
N ILE D 55 8.58 -9.59 24.99
CA ILE D 55 9.71 -10.48 24.83
C ILE D 55 9.24 -11.94 24.89
N HIS D 56 8.29 -12.24 25.77
CA HIS D 56 7.81 -13.61 25.87
C HIS D 56 7.05 -14.03 24.62
N ASN D 57 6.23 -13.14 24.08
CA ASN D 57 5.53 -13.45 22.83
C ASN D 57 6.51 -13.57 21.68
N LYS D 58 7.52 -12.69 21.65
CA LYS D 58 8.58 -12.80 20.65
C LYS D 58 9.15 -14.21 20.60
N ASN D 59 9.57 -14.72 21.75
CA ASN D 59 10.22 -16.03 21.79
C ASN D 59 9.30 -17.13 21.33
N GLU D 60 7.99 -16.99 21.57
CA GLU D 60 7.03 -17.99 21.07
C GLU D 60 6.88 -17.90 19.55
N GLU D 61 6.94 -16.69 18.99
CA GLU D 61 6.91 -16.56 17.54
C GLU D 61 8.12 -17.24 16.90
N VAL D 62 9.29 -17.15 17.56
CA VAL D 62 10.46 -17.87 17.10
C VAL D 62 10.18 -19.36 17.06
N GLU D 63 9.48 -19.88 18.08
CA GLU D 63 9.16 -21.30 18.10
C GLU D 63 8.24 -21.67 16.95
N HIS D 64 7.21 -20.88 16.70
CA HIS D 64 6.34 -21.11 15.55
C HIS D 64 7.13 -21.12 14.25
N ALA D 65 8.04 -20.15 14.09
CA ALA D 65 8.86 -20.07 12.89
C ALA D 65 9.58 -21.39 12.62
N MET D 66 10.34 -21.86 13.62
CA MET D 66 11.13 -23.07 13.42
C MET D 66 10.24 -24.30 13.23
N MET D 67 9.06 -24.32 13.85
CA MET D 67 8.11 -25.39 13.57
C MET D 67 7.75 -25.42 12.10
N THR D 68 7.40 -24.26 11.53
CA THR D 68 7.01 -24.21 10.12
C THR D 68 8.20 -24.56 9.22
N LEU D 69 9.40 -24.11 9.59
CA LEU D 69 10.58 -24.42 8.81
C LEU D 69 10.85 -25.92 8.77
N GLU D 70 10.66 -26.60 9.90
CA GLU D 70 10.86 -28.05 9.92
C GLU D 70 9.85 -28.74 9.01
N TRP D 71 8.62 -28.25 8.96
CA TRP D 71 7.64 -28.80 8.04
C TRP D 71 8.10 -28.63 6.60
N ILE D 72 8.64 -27.46 6.27
CA ILE D 72 9.17 -27.22 4.92
C ILE D 72 10.30 -28.20 4.63
N ARG D 73 11.24 -28.34 5.57
CA ARG D 73 12.38 -29.23 5.37
C ARG D 73 11.93 -30.63 4.96
N ARG D 74 10.98 -31.20 5.70
CA ARG D 74 10.53 -32.56 5.45
C ARG D 74 9.88 -32.72 4.08
N ARG D 75 9.50 -31.63 3.43
CA ARG D 75 8.82 -31.69 2.15
C ARG D 75 9.71 -31.28 0.99
N SER D 76 10.83 -30.61 1.24
CA SER D 76 11.65 -29.99 0.20
C SER D 76 13.10 -30.48 0.30
N PRO D 77 13.56 -31.32 -0.63
CA PRO D 77 14.98 -31.71 -0.59
C PRO D 77 15.94 -30.53 -0.68
N VAL D 78 15.61 -29.52 -1.49
CA VAL D 78 16.51 -28.39 -1.66
C VAL D 78 16.72 -27.66 -0.34
N PHE D 79 15.65 -27.55 0.46
CA PHE D 79 15.79 -26.95 1.78
C PHE D 79 16.65 -27.82 2.69
N ASP D 80 16.45 -29.14 2.64
CA ASP D 80 17.20 -30.04 3.50
C ASP D 80 18.69 -29.92 3.23
N ALA D 81 19.11 -29.97 1.96
CA ALA D 81 20.53 -29.93 1.63
C ALA D 81 21.17 -28.65 2.15
N HIS D 82 20.58 -27.50 1.82
CA HIS D 82 21.18 -26.22 2.20
C HIS D 82 21.19 -26.04 3.72
N MET D 83 20.20 -26.60 4.42
CA MET D 83 20.20 -26.50 5.88
C MET D 83 21.35 -27.29 6.49
N ARG D 84 21.61 -28.50 5.98
CA ARG D 84 22.72 -29.29 6.48
C ARG D 84 24.06 -28.62 6.23
N THR D 85 24.15 -27.79 5.19
CA THR D 85 25.42 -27.15 4.86
C THR D 85 25.74 -26.02 5.84
N TYR D 86 24.75 -25.20 6.19
CA TYR D 86 25.01 -23.93 6.85
C TYR D 86 24.59 -23.89 8.31
N LEU D 87 23.62 -24.70 8.73
CA LEU D 87 23.09 -24.60 10.08
C LEU D 87 23.91 -25.41 11.06
N PHE D 88 24.14 -24.84 12.24
CA PHE D 88 24.90 -25.49 13.31
C PHE D 88 26.35 -25.70 12.87
N THR D 89 26.98 -24.63 12.41
CA THR D 89 28.38 -24.63 12.03
C THR D 89 29.10 -23.50 12.77
N GLU D 90 30.38 -23.33 12.46
CA GLU D 90 31.21 -22.35 13.14
C GLU D 90 32.15 -21.58 12.22
N ARG D 91 32.45 -22.07 11.03
CA ARG D 91 33.30 -21.33 10.11
C ARG D 91 32.56 -20.09 9.60
N PRO D 92 33.29 -19.09 9.09
CA PRO D 92 32.63 -17.96 8.44
C PRO D 92 31.65 -18.45 7.38
N ILE D 93 30.47 -17.82 7.36
CA ILE D 93 29.35 -18.35 6.61
C ILE D 93 29.72 -18.58 5.14
N LEU D 94 30.40 -17.61 4.53
CA LEU D 94 30.69 -17.72 3.10
C LEU D 94 31.67 -18.86 2.80
N GLU D 95 32.53 -19.20 3.76
CA GLU D 95 33.49 -20.28 3.54
C GLU D 95 32.82 -21.64 3.39
N LEU D 96 31.61 -21.81 3.94
CA LEU D 96 30.94 -23.11 3.94
C LEU D 96 30.42 -23.52 2.56
N GLU D 97 30.53 -22.66 1.55
CA GLU D 97 30.12 -23.02 0.19
C GLU D 97 30.70 -24.39 -0.19
N GLN E 6 -9.11 -8.28 0.74
CA GLN E 6 -9.02 -8.34 2.20
C GLN E 6 -8.77 -9.78 2.67
N LEU E 7 -9.61 -10.71 2.24
CA LEU E 7 -9.38 -12.12 2.52
C LEU E 7 -8.11 -12.60 1.83
N HIS E 8 -7.40 -13.50 2.49
CA HIS E 8 -6.14 -14.04 1.98
C HIS E 8 -6.31 -15.34 1.21
N GLU E 9 -7.50 -15.92 1.20
CA GLU E 9 -7.79 -17.13 0.44
C GLU E 9 -9.06 -16.93 -0.34
N PRO E 10 -9.25 -17.66 -1.44
CA PRO E 10 -10.51 -17.56 -2.18
C PRO E 10 -11.68 -18.04 -1.33
N ALA E 11 -12.78 -17.28 -1.35
CA ALA E 11 -13.90 -17.55 -0.48
C ALA E 11 -14.38 -18.99 -0.57
N GLU E 12 -14.25 -19.61 -1.74
CA GLU E 12 -14.76 -20.97 -1.93
C GLU E 12 -14.10 -21.98 -1.01
N LEU E 13 -12.90 -21.70 -0.51
CA LEU E 13 -12.19 -22.63 0.36
C LEU E 13 -12.36 -22.33 1.84
N LEU E 14 -13.12 -21.28 2.19
CA LEU E 14 -13.33 -20.88 3.57
C LEU E 14 -14.74 -21.22 4.00
N SER E 15 -14.88 -21.81 5.19
CA SER E 15 -16.19 -22.02 5.78
C SER E 15 -16.78 -20.68 6.23
N GLU E 16 -18.11 -20.64 6.30
CA GLU E 16 -18.77 -19.41 6.72
C GLU E 16 -18.35 -19.02 8.13
N GLU E 17 -18.04 -19.98 9.00
CA GLU E 17 -17.53 -19.65 10.32
C GLU E 17 -16.26 -18.81 10.21
N THR E 18 -15.39 -19.15 9.27
CA THR E 18 -14.16 -18.37 9.08
C THR E 18 -14.48 -16.99 8.54
N LYS E 19 -15.41 -16.89 7.58
CA LYS E 19 -15.74 -15.59 7.00
C LYS E 19 -16.44 -14.70 8.01
N ASN E 20 -17.36 -15.25 8.80
CA ASN E 20 -18.01 -14.45 9.84
C ASN E 20 -17.00 -14.02 10.90
N MET E 21 -16.05 -14.88 11.23
CA MET E 21 -14.99 -14.50 12.16
C MET E 21 -14.10 -13.41 11.56
N HIS E 22 -13.76 -13.55 10.28
CA HIS E 22 -13.02 -12.50 9.59
C HIS E 22 -13.76 -11.17 9.68
N ARG E 23 -15.07 -11.19 9.41
CA ARG E 23 -15.85 -9.96 9.50
C ARG E 23 -15.77 -9.36 10.90
N ALA E 24 -15.90 -10.19 11.93
CA ALA E 24 -15.84 -9.69 13.30
C ALA E 24 -14.44 -9.23 13.67
N LEU E 25 -13.41 -9.95 13.23
CA LEU E 25 -12.05 -9.62 13.65
C LEU E 25 -11.59 -8.31 13.02
N VAL E 26 -11.89 -8.07 11.74
CA VAL E 26 -11.46 -6.82 11.12
C VAL E 26 -12.27 -5.65 11.67
N THR E 27 -13.54 -5.88 12.01
CA THR E 27 -14.33 -4.82 12.66
C THR E 27 -13.69 -4.41 13.98
N LEU E 28 -13.34 -5.40 14.81
CA LEU E 28 -12.64 -5.10 16.06
C LEU E 28 -11.30 -4.42 15.80
N ILE E 29 -10.58 -4.85 14.76
CA ILE E 29 -9.30 -4.23 14.43
C ILE E 29 -9.48 -2.77 14.08
N GLU E 30 -10.48 -2.47 13.25
CA GLU E 30 -10.72 -1.09 12.85
C GLU E 30 -11.14 -0.22 14.03
N GLU E 31 -11.87 -0.79 14.99
CA GLU E 31 -12.29 -0.04 16.17
C GLU E 31 -11.11 0.25 17.08
N LEU E 32 -10.21 -0.72 17.28
CA LEU E 32 -9.01 -0.47 18.08
C LEU E 32 -8.09 0.54 17.40
N GLU E 33 -8.02 0.51 16.06
CA GLU E 33 -7.24 1.52 15.36
C GLU E 33 -7.77 2.91 15.63
N ALA E 34 -9.10 3.07 15.63
CA ALA E 34 -9.69 4.37 15.95
C ALA E 34 -9.34 4.81 17.36
N VAL E 35 -9.32 3.86 18.32
CA VAL E 35 -8.98 4.22 19.69
C VAL E 35 -7.56 4.78 19.74
N ASP E 36 -6.64 4.18 19.00
CA ASP E 36 -5.27 4.68 18.99
C ASP E 36 -5.18 6.03 18.28
N TRP E 37 -5.69 6.11 17.05
CA TRP E 37 -5.53 7.33 16.26
C TRP E 37 -6.24 8.51 16.91
N TYR E 38 -7.42 8.28 17.48
CA TYR E 38 -8.16 9.37 18.10
C TYR E 38 -7.39 9.95 19.27
N GLN E 39 -6.76 9.10 20.08
CA GLN E 39 -5.97 9.60 21.20
C GLN E 39 -4.75 10.38 20.71
N GLN E 40 -4.15 9.94 19.60
CA GLN E 40 -3.01 10.67 19.05
C GLN E 40 -3.44 12.05 18.57
N ARG E 41 -4.56 12.15 17.85
CA ARG E 41 -5.03 13.45 17.39
C ARG E 41 -5.47 14.34 18.54
N ALA E 42 -6.04 13.76 19.59
CA ALA E 42 -6.46 14.57 20.73
C ALA E 42 -5.27 15.23 21.40
N ASP E 43 -4.21 14.45 21.67
CA ASP E 43 -3.01 15.00 22.29
C ASP E 43 -2.42 16.14 21.46
N ALA E 44 -2.15 15.87 20.18
CA ALA E 44 -1.57 16.88 19.30
C ALA E 44 -2.53 18.00 18.96
N CYS E 45 -3.81 17.86 19.31
CA CYS E 45 -4.81 18.85 18.97
C CYS E 45 -4.51 20.19 19.66
N SER E 46 -4.84 21.27 18.97
CA SER E 46 -4.71 22.62 19.51
C SER E 46 -6.05 23.19 19.96
N GLU E 47 -7.12 22.96 19.20
CA GLU E 47 -8.43 23.50 19.55
C GLU E 47 -9.11 22.61 20.57
N PRO E 48 -9.45 23.11 21.76
CA PRO E 48 -10.04 22.22 22.79
C PRO E 48 -11.37 21.60 22.39
N GLY E 49 -12.17 22.30 21.59
CA GLY E 49 -13.44 21.73 21.15
C GLY E 49 -13.25 20.43 20.39
N LEU E 50 -12.28 20.40 19.48
CA LEU E 50 -11.99 19.17 18.76
C LEU E 50 -11.47 18.09 19.70
N HIS E 51 -10.56 18.46 20.61
CA HIS E 51 -10.04 17.51 21.58
C HIS E 51 -11.18 16.81 22.32
N ASP E 52 -12.20 17.57 22.73
CA ASP E 52 -13.29 16.98 23.50
C ASP E 52 -14.08 16.00 22.66
N VAL E 53 -14.42 16.37 21.43
CA VAL E 53 -15.13 15.45 20.53
C VAL E 53 -14.32 14.18 20.34
N LEU E 54 -13.00 14.31 20.12
CA LEU E 54 -12.18 13.15 19.82
C LEU E 54 -12.15 12.17 20.99
N ILE E 55 -11.98 12.68 22.22
CA ILE E 55 -11.97 11.81 23.38
C ILE E 55 -13.31 11.12 23.55
N HIS E 56 -14.40 11.89 23.42
CA HIS E 56 -15.73 11.32 23.62
C HIS E 56 -16.00 10.18 22.65
N ASN E 57 -15.71 10.40 21.37
CA ASN E 57 -15.97 9.37 20.37
C ASN E 57 -14.95 8.25 20.43
N LYS E 58 -13.72 8.54 20.87
CA LYS E 58 -12.76 7.48 21.17
C LYS E 58 -13.36 6.47 22.14
N ASN E 59 -13.96 6.95 23.23
CA ASN E 59 -14.48 6.06 24.25
C ASN E 59 -15.64 5.22 23.72
N GLU E 60 -16.43 5.77 22.80
CA GLU E 60 -17.47 4.97 22.18
C GLU E 60 -16.89 3.92 21.24
N GLU E 61 -15.72 4.19 20.64
CA GLU E 61 -15.04 3.17 19.86
C GLU E 61 -14.57 2.02 20.75
N VAL E 62 -14.11 2.34 21.96
CA VAL E 62 -13.80 1.29 22.93
C VAL E 62 -15.02 0.44 23.21
N GLU E 63 -16.19 1.08 23.39
CA GLU E 63 -17.41 0.33 23.63
C GLU E 63 -17.74 -0.57 22.46
N HIS E 64 -17.68 -0.04 21.23
CA HIS E 64 -17.89 -0.88 20.06
C HIS E 64 -16.94 -2.07 20.05
N ALA E 65 -15.66 -1.83 20.37
CA ALA E 65 -14.68 -2.90 20.34
C ALA E 65 -15.08 -4.05 21.25
N MET E 66 -15.43 -3.73 22.50
CA MET E 66 -15.78 -4.78 23.45
C MET E 66 -17.11 -5.45 23.10
N MET E 67 -18.04 -4.72 22.49
CA MET E 67 -19.25 -5.36 21.98
C MET E 67 -18.89 -6.43 20.96
N THR E 68 -17.97 -6.10 20.04
CA THR E 68 -17.54 -7.06 19.03
C THR E 68 -16.79 -8.23 19.66
N LEU E 69 -15.92 -7.94 20.63
CA LEU E 69 -15.15 -8.99 21.27
C LEU E 69 -16.06 -9.97 22.01
N GLU E 70 -17.14 -9.47 22.63
CA GLU E 70 -18.05 -10.37 23.31
C GLU E 70 -18.73 -11.31 22.33
N TRP E 71 -19.06 -10.82 21.13
CA TRP E 71 -19.65 -11.71 20.13
C TRP E 71 -18.67 -12.81 19.74
N ILE E 72 -17.40 -12.43 19.52
CA ILE E 72 -16.37 -13.43 19.21
C ILE E 72 -16.29 -14.47 20.32
N ARG E 73 -16.30 -14.02 21.58
CA ARG E 73 -16.17 -14.96 22.69
C ARG E 73 -17.28 -16.01 22.67
N ARG E 74 -18.52 -15.58 22.42
CA ARG E 74 -19.64 -16.51 22.41
C ARG E 74 -19.55 -17.52 21.27
N ARG E 75 -18.82 -17.22 20.21
CA ARG E 75 -18.71 -18.10 19.05
C ARG E 75 -17.37 -18.83 18.98
N SER E 76 -16.39 -18.46 19.79
CA SER E 76 -15.03 -19.00 19.68
C SER E 76 -14.62 -19.65 20.98
N PRO E 77 -14.57 -20.98 21.08
CA PRO E 77 -14.11 -21.60 22.33
C PRO E 77 -12.67 -21.22 22.70
N VAL E 78 -11.82 -20.94 21.72
CA VAL E 78 -10.44 -20.60 22.05
C VAL E 78 -10.37 -19.20 22.69
N PHE E 79 -11.14 -18.24 22.16
CA PHE E 79 -11.19 -16.93 22.79
C PHE E 79 -11.77 -17.03 24.20
N ASP E 80 -12.83 -17.81 24.36
CA ASP E 80 -13.43 -17.99 25.68
C ASP E 80 -12.40 -18.48 26.70
N ALA E 81 -11.67 -19.53 26.34
CA ALA E 81 -10.70 -20.10 27.26
C ALA E 81 -9.66 -19.07 27.70
N HIS E 82 -9.04 -18.38 26.74
CA HIS E 82 -7.96 -17.47 27.07
C HIS E 82 -8.47 -16.20 27.74
N MET E 83 -9.68 -15.76 27.41
CA MET E 83 -10.26 -14.62 28.12
C MET E 83 -10.51 -14.97 29.58
N ARG E 84 -10.95 -16.20 29.84
CA ARG E 84 -11.15 -16.65 31.22
C ARG E 84 -9.84 -16.62 32.00
N THR E 85 -8.73 -16.95 31.34
CA THR E 85 -7.47 -17.08 32.06
C THR E 85 -6.89 -15.72 32.45
N TYR E 86 -7.00 -14.72 31.57
CA TYR E 86 -6.22 -13.50 31.74
C TYR E 86 -7.02 -12.27 32.10
N LEU E 87 -8.31 -12.21 31.77
CA LEU E 87 -9.06 -10.97 31.93
C LEU E 87 -9.53 -10.79 33.37
N PHE E 88 -9.41 -9.55 33.87
CA PHE E 88 -9.85 -9.19 35.22
C PHE E 88 -9.06 -9.95 36.27
N THR E 89 -7.74 -9.96 36.10
CA THR E 89 -6.80 -10.55 37.04
C THR E 89 -5.97 -9.45 37.68
N GLU E 90 -5.05 -9.85 38.56
CA GLU E 90 -4.30 -8.87 39.34
C GLU E 90 -2.78 -9.07 39.28
N ARG E 91 -2.31 -10.31 39.33
CA ARG E 91 -0.88 -10.57 39.42
C ARG E 91 -0.22 -10.44 38.05
N PRO E 92 1.12 -10.45 38.00
CA PRO E 92 1.81 -10.33 36.70
C PRO E 92 1.23 -11.25 35.64
N ILE E 93 1.02 -10.70 34.45
CA ILE E 93 0.34 -11.43 33.39
C ILE E 93 1.06 -12.73 33.06
N LEU E 94 2.40 -12.68 33.00
CA LEU E 94 3.14 -13.88 32.63
C LEU E 94 3.01 -15.00 33.66
N GLU E 95 2.78 -14.66 34.92
CA GLU E 95 2.56 -15.70 35.91
C GLU E 95 1.30 -16.51 35.62
N LEU E 96 0.33 -15.92 34.89
CA LEU E 96 -0.94 -16.58 34.65
C LEU E 96 -0.85 -17.70 33.63
N GLU E 97 0.19 -17.74 32.80
CA GLU E 97 0.35 -18.82 31.84
C GLU E 97 0.92 -20.06 32.54
N GLN F 6 12.07 6.46 -1.24
CA GLN F 6 11.65 5.17 -0.71
C GLN F 6 12.86 4.33 -0.27
N LEU F 7 13.90 5.00 0.20
CA LEU F 7 15.04 4.30 0.78
C LEU F 7 14.61 3.47 1.97
N HIS F 8 15.32 2.36 2.20
CA HIS F 8 15.03 1.47 3.32
C HIS F 8 15.92 1.72 4.52
N GLU F 9 16.92 2.58 4.41
CA GLU F 9 17.75 2.99 5.52
C GLU F 9 17.80 4.52 5.55
N PRO F 10 18.03 5.11 6.73
CA PRO F 10 18.20 6.56 6.78
C PRO F 10 19.38 7.00 5.92
N ALA F 11 19.15 8.02 5.09
CA ALA F 11 20.17 8.45 4.13
C ALA F 11 21.51 8.72 4.79
N GLU F 12 21.50 9.10 6.07
CA GLU F 12 22.75 9.41 6.77
C GLU F 12 23.71 8.22 6.77
N LEU F 13 23.19 7.00 6.66
CA LEU F 13 24.01 5.79 6.75
C LEU F 13 24.41 5.23 5.39
N LEU F 14 23.96 5.84 4.30
CA LEU F 14 24.23 5.34 2.95
C LEU F 14 25.26 6.23 2.25
N SER F 15 26.20 5.60 1.57
CA SER F 15 27.15 6.35 0.76
C SER F 15 26.43 6.97 -0.45
N GLU F 16 26.94 8.11 -0.90
CA GLU F 16 26.34 8.76 -2.05
C GLU F 16 26.36 7.83 -3.27
N GLU F 17 27.34 6.94 -3.36
CA GLU F 17 27.35 5.96 -4.44
C GLU F 17 26.15 5.03 -4.34
N THR F 18 25.77 4.63 -3.13
CA THR F 18 24.59 3.80 -2.96
C THR F 18 23.32 4.56 -3.34
N LYS F 19 23.23 5.83 -2.95
CA LYS F 19 22.05 6.61 -3.26
C LYS F 19 21.95 6.88 -4.75
N ASN F 20 23.08 7.13 -5.42
CA ASN F 20 23.06 7.30 -6.87
C ASN F 20 22.65 6.01 -7.57
N MET F 21 23.12 4.86 -7.06
CA MET F 21 22.68 3.58 -7.60
C MET F 21 21.20 3.35 -7.33
N HIS F 22 20.73 3.72 -6.14
CA HIS F 22 19.30 3.65 -5.86
C HIS F 22 18.51 4.46 -6.89
N ARG F 23 18.98 5.68 -7.20
CA ARG F 23 18.28 6.52 -8.16
C ARG F 23 18.23 5.86 -9.53
N ALA F 24 19.35 5.29 -9.98
CA ALA F 24 19.38 4.66 -11.29
C ALA F 24 18.54 3.39 -11.31
N LEU F 25 18.60 2.60 -10.22
CA LEU F 25 17.91 1.31 -10.22
C LEU F 25 16.40 1.48 -10.21
N VAL F 26 15.87 2.43 -9.42
CA VAL F 26 14.42 2.60 -9.40
C VAL F 26 13.92 3.21 -10.71
N THR F 27 14.72 4.10 -11.30
CA THR F 27 14.38 4.60 -12.64
C THR F 27 14.27 3.45 -13.64
N LEU F 28 15.25 2.53 -13.62
CA LEU F 28 15.21 1.39 -14.52
C LEU F 28 14.02 0.49 -14.20
N ILE F 29 13.72 0.31 -12.91
CA ILE F 29 12.56 -0.50 -12.52
C ILE F 29 11.27 0.13 -13.04
N GLU F 30 11.13 1.44 -12.89
CA GLU F 30 9.91 2.12 -13.33
C GLU F 30 9.77 2.05 -14.85
N GLU F 31 10.88 2.05 -15.58
CA GLU F 31 10.82 1.94 -17.03
C GLU F 31 10.43 0.52 -17.45
N LEU F 32 10.95 -0.50 -16.76
CA LEU F 32 10.54 -1.86 -17.05
C LEU F 32 9.08 -2.09 -16.70
N GLU F 33 8.60 -1.51 -15.60
CA GLU F 33 7.18 -1.60 -15.29
C GLU F 33 6.34 -1.01 -16.41
N ALA F 34 6.78 0.12 -16.98
CA ALA F 34 6.06 0.72 -18.10
C ALA F 34 6.05 -0.20 -19.32
N VAL F 35 7.17 -0.87 -19.58
CA VAL F 35 7.22 -1.81 -20.70
C VAL F 35 6.19 -2.91 -20.52
N ASP F 36 6.05 -3.43 -19.29
CA ASP F 36 5.08 -4.48 -19.04
C ASP F 36 3.65 -3.95 -19.15
N TRP F 37 3.35 -2.85 -18.45
CA TRP F 37 1.98 -2.36 -18.39
C TRP F 37 1.50 -1.88 -19.76
N TYR F 38 2.34 -1.14 -20.48
CA TYR F 38 1.92 -0.63 -21.79
C TYR F 38 1.53 -1.77 -22.72
N GLN F 39 2.25 -2.89 -22.66
CA GLN F 39 1.95 -4.02 -23.53
C GLN F 39 0.64 -4.70 -23.11
N GLN F 40 0.37 -4.76 -21.81
CA GLN F 40 -0.90 -5.29 -21.34
C GLN F 40 -2.06 -4.45 -21.85
N ARG F 41 -1.96 -3.13 -21.71
CA ARG F 41 -3.03 -2.25 -22.17
C ARG F 41 -3.15 -2.26 -23.68
N ALA F 42 -2.05 -2.45 -24.40
CA ALA F 42 -2.11 -2.51 -25.86
C ALA F 42 -2.88 -3.73 -26.31
N ASP F 43 -2.55 -4.90 -25.76
CA ASP F 43 -3.30 -6.13 -26.07
C ASP F 43 -4.79 -5.93 -25.80
N ALA F 44 -5.14 -5.59 -24.56
CA ALA F 44 -6.54 -5.44 -24.18
C ALA F 44 -7.21 -4.26 -24.85
N CYS F 45 -6.45 -3.39 -25.53
CA CYS F 45 -7.03 -2.22 -26.15
C CYS F 45 -8.04 -2.60 -27.23
N SER F 46 -9.15 -1.86 -27.27
CA SER F 46 -10.17 -2.04 -28.31
C SER F 46 -10.14 -0.92 -29.33
N GLU F 47 -9.06 -0.14 -29.37
CA GLU F 47 -8.95 1.02 -30.26
C GLU F 47 -7.58 0.99 -30.92
N PRO F 48 -7.50 0.76 -32.23
CA PRO F 48 -6.16 0.68 -32.87
C PRO F 48 -5.32 1.93 -32.68
N GLY F 49 -5.94 3.11 -32.69
CA GLY F 49 -5.16 4.34 -32.53
C GLY F 49 -4.42 4.39 -31.20
N LEU F 50 -5.14 4.14 -30.11
CA LEU F 50 -4.50 4.09 -28.80
C LEU F 50 -3.47 2.97 -28.75
N HIS F 51 -3.80 1.81 -29.32
CA HIS F 51 -2.86 0.69 -29.36
C HIS F 51 -1.53 1.10 -29.96
N ASP F 52 -1.57 1.91 -31.03
CA ASP F 52 -0.34 2.28 -31.71
C ASP F 52 0.50 3.23 -30.88
N VAL F 53 -0.14 4.16 -30.16
CA VAL F 53 0.61 5.05 -29.28
C VAL F 53 1.26 4.26 -28.15
N LEU F 54 0.54 3.29 -27.58
CA LEU F 54 1.08 2.51 -26.46
C LEU F 54 2.30 1.71 -26.90
N ILE F 55 2.21 1.03 -28.04
CA ILE F 55 3.33 0.24 -28.54
C ILE F 55 4.52 1.14 -28.83
N HIS F 56 4.29 2.25 -29.53
CA HIS F 56 5.38 3.16 -29.86
C HIS F 56 6.08 3.65 -28.60
N ASN F 57 5.31 4.14 -27.62
CA ASN F 57 5.93 4.67 -26.42
C ASN F 57 6.49 3.56 -25.53
N LYS F 58 5.90 2.37 -25.60
CA LYS F 58 6.50 1.20 -24.94
C LYS F 58 7.94 1.01 -25.40
N ASN F 59 8.17 1.09 -26.71
CA ASN F 59 9.50 0.81 -27.24
C ASN F 59 10.49 1.90 -26.84
N GLU F 60 10.03 3.14 -26.68
CA GLU F 60 10.90 4.18 -26.16
C GLU F 60 11.18 3.99 -24.67
N GLU F 61 10.24 3.37 -23.94
CA GLU F 61 10.54 3.00 -22.56
C GLU F 61 11.66 1.96 -22.51
N VAL F 62 11.65 1.01 -23.43
CA VAL F 62 12.77 0.06 -23.52
C VAL F 62 14.08 0.82 -23.74
N GLU F 63 14.06 1.81 -24.63
CA GLU F 63 15.27 2.59 -24.89
C GLU F 63 15.75 3.31 -23.64
N HIS F 64 14.84 3.98 -22.94
CA HIS F 64 15.20 4.61 -21.67
C HIS F 64 15.80 3.59 -20.71
N ALA F 65 15.22 2.39 -20.65
CA ALA F 65 15.70 1.37 -19.73
C ALA F 65 17.14 1.01 -20.03
N MET F 66 17.47 0.79 -21.31
CA MET F 66 18.82 0.36 -21.66
C MET F 66 19.82 1.50 -21.50
N MET F 67 19.39 2.74 -21.72
CA MET F 67 20.25 3.88 -21.42
C MET F 67 20.65 3.88 -19.95
N THR F 68 19.67 3.67 -19.07
CA THR F 68 19.95 3.65 -17.64
C THR F 68 20.84 2.47 -17.28
N LEU F 69 20.57 1.30 -17.86
CA LEU F 69 21.38 0.13 -17.55
C LEU F 69 22.82 0.32 -17.98
N GLU F 70 23.04 1.04 -19.09
CA GLU F 70 24.41 1.31 -19.52
C GLU F 70 25.12 2.22 -18.52
N TRP F 71 24.42 3.23 -18.01
CA TRP F 71 25.03 4.06 -16.96
C TRP F 71 25.39 3.20 -15.75
N ILE F 72 24.50 2.28 -15.36
CA ILE F 72 24.78 1.40 -14.24
C ILE F 72 26.03 0.56 -14.54
N ARG F 73 26.10 -0.02 -15.73
CA ARG F 73 27.25 -0.87 -16.07
C ARG F 73 28.56 -0.11 -15.94
N ARG F 74 28.61 1.11 -16.47
CA ARG F 74 29.83 1.91 -16.40
C ARG F 74 30.21 2.27 -14.97
N ARG F 75 29.28 2.12 -14.03
CA ARG F 75 29.50 2.53 -12.65
C ARG F 75 29.63 1.37 -11.68
N SER F 76 29.38 0.14 -12.13
CA SER F 76 29.31 -1.02 -11.23
C SER F 76 30.10 -2.19 -11.79
N PRO F 77 31.22 -2.58 -11.18
CA PRO F 77 31.96 -3.74 -11.70
C PRO F 77 31.13 -5.02 -11.71
N VAL F 78 30.26 -5.23 -10.72
CA VAL F 78 29.50 -6.48 -10.66
C VAL F 78 28.54 -6.57 -11.84
N PHE F 79 27.85 -5.47 -12.16
CA PHE F 79 26.98 -5.48 -13.33
C PHE F 79 27.78 -5.74 -14.61
N ASP F 80 28.93 -5.08 -14.74
CA ASP F 80 29.76 -5.27 -15.93
C ASP F 80 30.12 -6.74 -16.12
N ALA F 81 30.59 -7.40 -15.05
CA ALA F 81 31.04 -8.79 -15.16
C ALA F 81 29.90 -9.71 -15.56
N HIS F 82 28.74 -9.58 -14.89
CA HIS F 82 27.63 -10.48 -15.19
C HIS F 82 27.00 -10.16 -16.53
N MET F 83 27.03 -8.90 -16.95
CA MET F 83 26.57 -8.56 -18.29
C MET F 83 27.49 -9.15 -19.35
N ARG F 84 28.80 -9.15 -19.08
CA ARG F 84 29.75 -9.76 -20.03
C ARG F 84 29.45 -11.25 -20.22
N THR F 85 29.03 -11.93 -19.15
CA THR F 85 28.84 -13.37 -19.22
C THR F 85 27.62 -13.75 -20.05
N TYR F 86 26.51 -13.04 -19.89
CA TYR F 86 25.22 -13.52 -20.35
C TYR F 86 24.63 -12.80 -21.55
N LEU F 87 24.95 -11.53 -21.76
CA LEU F 87 24.24 -10.74 -22.76
C LEU F 87 24.77 -11.02 -24.16
N PHE F 88 23.84 -11.18 -25.10
CA PHE F 88 24.16 -11.42 -26.52
C PHE F 88 24.80 -12.78 -26.72
N THR F 89 24.36 -13.78 -25.95
CA THR F 89 24.79 -15.15 -26.12
C THR F 89 23.70 -15.94 -26.84
N GLU F 90 23.97 -17.20 -27.15
CA GLU F 90 23.02 -18.03 -27.87
C GLU F 90 22.85 -19.44 -27.29
N ARG F 91 23.69 -19.88 -26.38
CA ARG F 91 23.54 -21.19 -25.74
C ARG F 91 22.63 -21.08 -24.52
N PRO F 92 22.23 -22.20 -23.95
CA PRO F 92 21.34 -22.16 -22.78
C PRO F 92 21.92 -21.31 -21.65
N ILE F 93 21.08 -20.42 -21.11
CA ILE F 93 21.53 -19.46 -20.11
C ILE F 93 22.20 -20.17 -18.94
N LEU F 94 21.72 -21.35 -18.57
CA LEU F 94 22.31 -22.03 -17.42
C LEU F 94 23.70 -22.58 -17.75
N GLU F 95 23.93 -22.99 -18.99
CA GLU F 95 25.24 -23.48 -19.40
C GLU F 95 26.31 -22.38 -19.37
N LEU F 96 25.93 -21.12 -19.12
CA LEU F 96 26.89 -20.03 -19.07
C LEU F 96 27.41 -19.83 -17.65
N GLN G 6 2.69 2.76 12.74
CA GLN G 6 3.40 4.03 12.63
C GLN G 6 2.56 5.17 13.22
N LEU G 7 3.20 6.01 14.04
CA LEU G 7 2.50 7.14 14.62
C LEU G 7 1.95 8.05 13.54
N HIS G 8 0.88 8.78 13.88
CA HIS G 8 0.27 9.75 12.98
C HIS G 8 0.54 11.19 13.40
N GLU G 9 1.22 11.40 14.53
CA GLU G 9 1.57 12.73 15.00
C GLU G 9 3.02 12.69 15.47
N PRO G 10 3.73 13.82 15.41
CA PRO G 10 5.10 13.85 15.94
C PRO G 10 5.15 13.35 17.37
N ALA G 11 6.23 12.62 17.68
CA ALA G 11 6.37 12.01 19.00
C ALA G 11 6.40 13.05 20.11
N GLU G 12 6.87 14.26 19.80
CA GLU G 12 7.00 15.29 20.83
C GLU G 12 5.66 15.88 21.27
N LEU G 13 4.57 15.58 20.56
CA LEU G 13 3.25 16.09 20.91
C LEU G 13 2.41 15.10 21.68
N LEU G 14 2.91 13.88 21.89
CA LEU G 14 2.16 12.83 22.56
C LEU G 14 2.75 12.57 23.94
N SER G 15 1.88 12.30 24.91
CA SER G 15 2.35 11.85 26.20
C SER G 15 2.91 10.43 26.09
N GLU G 16 3.70 10.04 27.08
CA GLU G 16 4.25 8.69 27.07
C GLU G 16 3.17 7.64 27.22
N GLU G 17 2.12 7.93 27.99
CA GLU G 17 1.01 7.00 28.11
C GLU G 17 0.38 6.74 26.76
N THR G 18 0.09 7.79 26.00
CA THR G 18 -0.44 7.64 24.65
C THR G 18 0.47 6.73 23.82
N LYS G 19 1.78 6.96 23.89
CA LYS G 19 2.71 6.19 23.06
C LYS G 19 2.82 4.75 23.53
N ASN G 20 2.83 4.53 24.84
CA ASN G 20 2.81 3.17 25.36
C ASN G 20 1.51 2.47 25.00
N MET G 21 0.37 3.19 25.07
CA MET G 21 -0.89 2.61 24.65
C MET G 21 -0.90 2.31 23.16
N HIS G 22 -0.21 3.13 22.37
CA HIS G 22 -0.07 2.84 20.94
C HIS G 22 0.64 1.51 20.72
N ARG G 23 1.75 1.28 21.45
CA ARG G 23 2.50 0.04 21.28
C ARG G 23 1.66 -1.17 21.68
N ALA G 24 0.85 -1.04 22.74
CA ALA G 24 0.00 -2.15 23.14
C ALA G 24 -1.10 -2.40 22.13
N LEU G 25 -1.71 -1.33 21.61
CA LEU G 25 -2.85 -1.49 20.72
C LEU G 25 -2.44 -2.08 19.38
N VAL G 26 -1.30 -1.69 18.84
CA VAL G 26 -0.88 -2.24 17.56
C VAL G 26 -0.42 -3.68 17.71
N THR G 27 0.16 -4.02 18.87
CA THR G 27 0.49 -5.41 19.14
C THR G 27 -0.77 -6.27 19.15
N LEU G 28 -1.80 -5.80 19.86
CA LEU G 28 -3.08 -6.50 19.87
C LEU G 28 -3.62 -6.65 18.46
N ILE G 29 -3.52 -5.59 17.65
CA ILE G 29 -4.06 -5.61 16.30
C ILE G 29 -3.36 -6.67 15.47
N GLU G 30 -2.03 -6.70 15.53
CA GLU G 30 -1.28 -7.69 14.74
C GLU G 30 -1.59 -9.10 15.20
N GLU G 31 -1.72 -9.30 16.52
CA GLU G 31 -2.09 -10.62 17.01
C GLU G 31 -3.47 -11.03 16.51
N LEU G 32 -4.44 -10.10 16.54
CA LEU G 32 -5.76 -10.42 16.01
C LEU G 32 -5.72 -10.71 14.52
N GLU G 33 -4.90 -9.96 13.78
CA GLU G 33 -4.75 -10.24 12.34
C GLU G 33 -4.25 -11.66 12.12
N ALA G 34 -3.26 -12.09 12.91
CA ALA G 34 -2.71 -13.43 12.73
C ALA G 34 -3.75 -14.50 13.02
N VAL G 35 -4.62 -14.27 14.01
CA VAL G 35 -5.71 -15.20 14.27
C VAL G 35 -6.54 -15.40 13.01
N ASP G 36 -6.90 -14.30 12.35
CA ASP G 36 -7.70 -14.37 11.14
C ASP G 36 -6.95 -15.10 10.02
N TRP G 37 -5.69 -14.73 9.80
CA TRP G 37 -4.94 -15.29 8.68
C TRP G 37 -4.63 -16.77 8.90
N TYR G 38 -4.24 -17.15 10.12
CA TYR G 38 -4.00 -18.57 10.40
C TYR G 38 -5.25 -19.40 10.13
N GLN G 39 -6.42 -18.91 10.54
CA GLN G 39 -7.64 -19.67 10.35
C GLN G 39 -7.96 -19.85 8.88
N GLN G 40 -7.80 -18.78 8.09
CA GLN G 40 -8.05 -18.89 6.65
C GLN G 40 -7.12 -19.90 6.01
N ARG G 41 -5.83 -19.86 6.40
CA ARG G 41 -4.87 -20.80 5.82
C ARG G 41 -5.18 -22.23 6.24
N ALA G 42 -5.53 -22.45 7.51
CA ALA G 42 -5.86 -23.80 7.97
C ALA G 42 -7.04 -24.37 7.19
N ASP G 43 -8.06 -23.54 6.93
CA ASP G 43 -9.21 -24.00 6.15
C ASP G 43 -8.79 -24.44 4.77
N ALA G 44 -8.07 -23.58 4.05
CA ALA G 44 -7.72 -23.82 2.64
C ALA G 44 -6.56 -24.81 2.50
N CYS G 45 -6.04 -25.36 3.59
CA CYS G 45 -4.92 -26.27 3.57
C CYS G 45 -5.40 -27.69 3.79
N SER G 46 -5.02 -28.60 2.88
CA SER G 46 -5.43 -29.99 2.97
C SER G 46 -4.48 -30.82 3.84
N GLU G 47 -3.16 -30.62 3.69
CA GLU G 47 -2.18 -31.39 4.44
C GLU G 47 -2.47 -31.31 5.93
N PRO G 48 -2.91 -32.39 6.56
CA PRO G 48 -3.27 -32.30 8.00
C PRO G 48 -2.13 -31.81 8.87
N GLY G 49 -0.90 -32.21 8.57
CA GLY G 49 0.23 -31.76 9.38
C GLY G 49 0.32 -30.25 9.44
N LEU G 50 0.26 -29.60 8.28
CA LEU G 50 0.29 -28.13 8.25
C LEU G 50 -0.95 -27.54 8.89
N HIS G 51 -2.12 -28.10 8.57
CA HIS G 51 -3.36 -27.66 9.20
C HIS G 51 -3.23 -27.64 10.73
N ASP G 52 -2.64 -28.70 11.29
CA ASP G 52 -2.53 -28.79 12.76
C ASP G 52 -1.61 -27.72 13.32
N VAL G 53 -0.46 -27.50 12.68
CA VAL G 53 0.45 -26.46 13.17
C VAL G 53 -0.23 -25.09 13.09
N LEU G 54 -0.93 -24.82 11.99
CA LEU G 54 -1.61 -23.53 11.85
C LEU G 54 -2.64 -23.33 12.97
N ILE G 55 -3.43 -24.37 13.28
CA ILE G 55 -4.40 -24.26 14.36
C ILE G 55 -3.71 -24.02 15.69
N HIS G 56 -2.66 -24.81 15.97
CA HIS G 56 -1.97 -24.68 17.25
C HIS G 56 -1.39 -23.28 17.42
N ASN G 57 -0.91 -22.69 16.33
CA ASN G 57 -0.35 -21.35 16.41
C ASN G 57 -1.44 -20.27 16.40
N LYS G 58 -2.53 -20.50 15.67
CA LYS G 58 -3.69 -19.64 15.78
C LYS G 58 -4.10 -19.47 17.23
N ASN G 59 -4.22 -20.59 17.95
CA ASN G 59 -4.71 -20.54 19.33
C ASN G 59 -3.74 -19.81 20.25
N GLU G 60 -2.44 -19.94 20.01
CA GLU G 60 -1.47 -19.20 20.80
C GLU G 60 -1.51 -17.70 20.51
N GLU G 61 -1.91 -17.33 19.29
CA GLU G 61 -2.05 -15.90 18.99
C GLU G 61 -3.23 -15.30 19.72
N VAL G 62 -4.33 -16.07 19.84
CA VAL G 62 -5.44 -15.64 20.69
C VAL G 62 -4.94 -15.34 22.10
N GLU G 63 -4.10 -16.23 22.62
CA GLU G 63 -3.56 -16.05 23.96
C GLU G 63 -2.77 -14.74 24.06
N HIS G 64 -1.83 -14.53 23.13
CA HIS G 64 -1.07 -13.29 23.12
C HIS G 64 -2.00 -12.08 23.11
N ALA G 65 -3.08 -12.16 22.32
CA ALA G 65 -4.01 -11.05 22.21
C ALA G 65 -4.65 -10.73 23.56
N MET G 66 -5.12 -11.76 24.27
CA MET G 66 -5.80 -11.51 25.53
C MET G 66 -4.84 -11.04 26.61
N MET G 67 -3.60 -11.52 26.60
CA MET G 67 -2.57 -10.99 27.49
C MET G 67 -2.39 -9.50 27.28
N THR G 68 -2.24 -9.08 26.01
CA THR G 68 -2.08 -7.66 25.72
C THR G 68 -3.31 -6.88 26.15
N LEU G 69 -4.50 -7.41 25.86
CA LEU G 69 -5.73 -6.70 26.21
C LEU G 69 -5.84 -6.51 27.72
N GLU G 70 -5.43 -7.50 28.51
CA GLU G 70 -5.48 -7.35 29.97
C GLU G 70 -4.54 -6.23 30.41
N TRP G 71 -3.34 -6.17 29.83
CA TRP G 71 -2.44 -5.06 30.13
C TRP G 71 -3.13 -3.72 29.86
N ILE G 72 -3.89 -3.62 28.76
CA ILE G 72 -4.58 -2.39 28.44
C ILE G 72 -5.66 -2.10 29.48
N ARG G 73 -6.44 -3.12 29.86
CA ARG G 73 -7.50 -2.91 30.84
C ARG G 73 -6.96 -2.32 32.13
N ARG G 74 -5.81 -2.82 32.60
CA ARG G 74 -5.29 -2.42 33.91
C ARG G 74 -4.90 -0.96 33.96
N ARG G 75 -4.71 -0.30 32.81
CA ARG G 75 -4.32 1.09 32.78
C ARG G 75 -5.31 1.98 32.05
N SER G 76 -6.47 1.46 31.69
CA SER G 76 -7.48 2.23 30.95
C SER G 76 -8.83 2.08 31.65
N PRO G 77 -9.27 3.08 32.42
CA PRO G 77 -10.60 3.00 33.02
C PRO G 77 -11.71 2.80 32.00
N VAL G 78 -11.58 3.39 30.81
CA VAL G 78 -12.63 3.27 29.80
C VAL G 78 -12.72 1.85 29.27
N PHE G 79 -11.58 1.19 29.07
CA PHE G 79 -11.62 -0.22 28.69
C PHE G 79 -12.25 -1.07 29.79
N ASP G 80 -11.84 -0.84 31.04
CA ASP G 80 -12.37 -1.62 32.15
C ASP G 80 -13.88 -1.47 32.24
N ALA G 81 -14.37 -0.21 32.24
CA ALA G 81 -15.81 0.02 32.35
C ALA G 81 -16.57 -0.70 31.25
N HIS G 82 -16.13 -0.56 30.00
CA HIS G 82 -16.85 -1.17 28.89
C HIS G 82 -16.69 -2.69 28.91
N MET G 83 -15.52 -3.19 29.31
CA MET G 83 -15.33 -4.63 29.40
C MET G 83 -16.23 -5.23 30.47
N ARG G 84 -16.43 -4.51 31.58
CA ARG G 84 -17.31 -5.02 32.62
C ARG G 84 -18.75 -5.13 32.14
N THR G 85 -19.16 -4.30 31.18
CA THR G 85 -20.54 -4.31 30.74
C THR G 85 -20.83 -5.48 29.79
N TYR G 86 -19.94 -5.75 28.84
CA TYR G 86 -20.27 -6.66 27.74
C TYR G 86 -19.62 -8.03 27.86
N LEU G 87 -18.41 -8.12 28.41
CA LEU G 87 -17.71 -9.40 28.43
C LEU G 87 -18.34 -10.36 29.42
N PHE G 88 -18.47 -11.62 29.00
CA PHE G 88 -19.00 -12.71 29.83
C PHE G 88 -20.46 -12.44 30.22
N THR G 89 -21.30 -12.33 29.19
CA THR G 89 -22.72 -12.08 29.37
C THR G 89 -23.52 -13.10 28.55
N GLU G 90 -24.85 -13.04 28.67
CA GLU G 90 -25.73 -14.00 28.03
C GLU G 90 -26.81 -13.31 27.20
N ARG G 91 -27.25 -12.15 27.65
CA ARG G 91 -28.34 -11.44 26.98
C ARG G 91 -27.87 -10.89 25.63
N PRO G 92 -28.81 -10.59 24.73
CA PRO G 92 -28.43 -9.94 23.47
C PRO G 92 -27.52 -8.74 23.72
N ILE G 93 -26.45 -8.66 22.93
CA ILE G 93 -25.39 -7.70 23.20
C ILE G 93 -25.94 -6.28 23.30
N LEU G 94 -26.91 -5.93 22.45
CA LEU G 94 -27.43 -4.57 22.46
C LEU G 94 -28.25 -4.26 23.71
N GLU G 95 -28.67 -5.27 24.46
CA GLU G 95 -29.45 -5.02 25.67
C GLU G 95 -28.60 -4.70 26.88
N LEU G 96 -27.27 -4.65 26.73
CA LEU G 96 -26.38 -4.46 27.86
C LEU G 96 -25.95 -3.01 28.07
N GLU G 97 -26.06 -2.16 27.06
CA GLU G 97 -25.64 -0.77 27.18
C GLU G 97 -26.30 -0.09 28.38
N GLN H 6 1.01 -8.24 -10.21
CA GLN H 6 -0.31 -8.64 -10.66
C GLN H 6 -0.68 -7.99 -11.99
N LEU H 7 -1.35 -8.75 -12.85
CA LEU H 7 -1.78 -8.23 -14.14
C LEU H 7 -2.76 -7.09 -13.96
N HIS H 8 -2.71 -6.13 -14.89
CA HIS H 8 -3.62 -5.00 -14.90
C HIS H 8 -4.75 -5.18 -15.91
N GLU H 9 -4.87 -6.36 -16.52
CA GLU H 9 -5.89 -6.63 -17.50
C GLU H 9 -6.36 -8.07 -17.35
N PRO H 10 -7.59 -8.39 -17.76
CA PRO H 10 -8.04 -9.78 -17.72
C PRO H 10 -7.12 -10.68 -18.51
N ALA H 11 -6.89 -11.89 -17.97
CA ALA H 11 -5.95 -12.81 -18.60
C ALA H 11 -6.37 -13.20 -20.01
N GLU H 12 -7.68 -13.24 -20.27
CA GLU H 12 -8.15 -13.68 -21.58
C GLU H 12 -7.90 -12.65 -22.68
N LEU H 13 -7.67 -11.39 -22.32
CA LEU H 13 -7.40 -10.35 -23.31
C LEU H 13 -5.92 -10.22 -23.66
N LEU H 14 -5.05 -11.03 -23.04
CA LEU H 14 -3.62 -10.94 -23.24
C LEU H 14 -3.10 -12.18 -23.96
N SER H 15 -2.16 -11.97 -24.88
CA SER H 15 -1.51 -13.10 -25.52
C SER H 15 -0.57 -13.79 -24.53
N GLU H 16 -0.23 -15.04 -24.85
CA GLU H 16 0.70 -15.77 -24.00
C GLU H 16 2.09 -15.16 -24.03
N GLU H 17 2.48 -14.59 -25.17
CA GLU H 17 3.73 -13.84 -25.24
C GLU H 17 3.76 -12.74 -24.18
N THR H 18 2.72 -11.89 -24.15
CA THR H 18 2.65 -10.83 -23.16
C THR H 18 2.76 -11.39 -21.74
N LYS H 19 2.00 -12.43 -21.44
CA LYS H 19 1.99 -12.98 -20.10
C LYS H 19 3.34 -13.57 -19.72
N ASN H 20 3.96 -14.32 -20.64
CA ASN H 20 5.31 -14.82 -20.38
C ASN H 20 6.30 -13.65 -20.25
N MET H 21 6.15 -12.62 -21.07
CA MET H 21 7.00 -11.45 -20.94
C MET H 21 6.75 -10.76 -19.60
N HIS H 22 5.50 -10.70 -19.16
CA HIS H 22 5.18 -10.16 -17.85
C HIS H 22 5.94 -10.92 -16.77
N ARG H 23 5.93 -12.25 -16.83
CA ARG H 23 6.61 -13.05 -15.83
C ARG H 23 8.11 -12.77 -15.82
N ALA H 24 8.70 -12.56 -17.00
CA ALA H 24 10.12 -12.24 -17.06
C ALA H 24 10.40 -10.85 -16.51
N LEU H 25 9.56 -9.87 -16.83
CA LEU H 25 9.83 -8.50 -16.42
C LEU H 25 9.67 -8.32 -14.92
N VAL H 26 8.68 -9.00 -14.30
CA VAL H 26 8.53 -8.84 -12.87
C VAL H 26 9.64 -9.54 -12.12
N THR H 27 10.12 -10.68 -12.65
CA THR H 27 11.28 -11.34 -12.06
C THR H 27 12.50 -10.43 -12.11
N LEU H 28 12.75 -9.83 -13.28
CA LEU H 28 13.85 -8.89 -13.41
C LEU H 28 13.70 -7.73 -12.43
N ILE H 29 12.47 -7.24 -12.27
CA ILE H 29 12.23 -6.09 -11.41
C ILE H 29 12.54 -6.45 -9.96
N GLU H 30 12.06 -7.60 -9.49
CA GLU H 30 12.30 -8.00 -8.11
C GLU H 30 13.79 -8.22 -7.86
N GLU H 31 14.48 -8.81 -8.83
CA GLU H 31 15.92 -9.01 -8.69
C GLU H 31 16.65 -7.67 -8.59
N LEU H 32 16.30 -6.72 -9.45
CA LEU H 32 16.88 -5.39 -9.36
C LEU H 32 16.55 -4.72 -8.02
N GLU H 33 15.33 -4.92 -7.53
CA GLU H 33 14.99 -4.39 -6.21
C GLU H 33 15.90 -4.96 -5.14
N ALA H 34 16.11 -6.28 -5.17
CA ALA H 34 16.98 -6.92 -4.18
C ALA H 34 18.39 -6.36 -4.27
N VAL H 35 18.88 -6.09 -5.49
CA VAL H 35 20.19 -5.47 -5.64
C VAL H 35 20.25 -4.18 -4.83
N ASP H 36 19.22 -3.34 -4.97
CA ASP H 36 19.23 -2.03 -4.31
C ASP H 36 19.14 -2.20 -2.79
N TRP H 37 18.22 -3.04 -2.33
CA TRP H 37 17.99 -3.18 -0.90
C TRP H 37 19.19 -3.82 -0.20
N TYR H 38 19.78 -4.85 -0.79
CA TYR H 38 20.95 -5.48 -0.16
C TYR H 38 22.10 -4.49 -0.04
N GLN H 39 22.29 -3.62 -1.04
CA GLN H 39 23.35 -2.62 -0.96
C GLN H 39 23.08 -1.63 0.16
N GLN H 40 21.84 -1.15 0.28
CA GLN H 40 21.50 -0.21 1.35
C GLN H 40 21.75 -0.83 2.73
N ARG H 41 21.42 -2.11 2.89
CA ARG H 41 21.63 -2.76 4.18
C ARG H 41 23.10 -2.93 4.49
N ALA H 42 23.89 -3.35 3.50
CA ALA H 42 25.33 -3.49 3.70
C ALA H 42 25.94 -2.18 4.19
N ASP H 43 25.51 -1.05 3.65
CA ASP H 43 26.04 0.24 4.07
C ASP H 43 25.71 0.52 5.53
N ALA H 44 24.42 0.47 5.87
CA ALA H 44 23.99 0.77 7.24
C ALA H 44 24.34 -0.33 8.22
N CYS H 45 24.97 -1.40 7.78
CA CYS H 45 25.29 -2.52 8.66
C CYS H 45 26.49 -2.19 9.54
N SER H 46 26.44 -2.65 10.78
CA SER H 46 27.55 -2.51 11.72
C SER H 46 28.41 -3.76 11.79
N GLU H 47 27.79 -4.94 11.77
CA GLU H 47 28.53 -6.19 11.92
C GLU H 47 29.19 -6.55 10.59
N PRO H 48 30.52 -6.76 10.57
CA PRO H 48 31.17 -7.09 9.28
C PRO H 48 30.68 -8.41 8.68
N GLY H 49 30.45 -9.43 9.50
CA GLY H 49 29.98 -10.70 8.97
C GLY H 49 28.72 -10.56 8.14
N LEU H 50 27.73 -9.82 8.66
CA LEU H 50 26.49 -9.62 7.93
C LEU H 50 26.75 -8.85 6.63
N HIS H 51 27.60 -7.82 6.68
CA HIS H 51 27.91 -7.03 5.50
C HIS H 51 28.34 -7.91 4.34
N ASP H 52 29.29 -8.82 4.58
CA ASP H 52 29.82 -9.66 3.51
C ASP H 52 28.76 -10.62 2.99
N VAL H 53 27.91 -11.15 3.87
CA VAL H 53 26.81 -12.00 3.41
C VAL H 53 25.91 -11.21 2.46
N LEU H 54 25.62 -9.95 2.81
CA LEU H 54 24.71 -9.15 1.98
C LEU H 54 25.34 -8.81 0.63
N ILE H 55 26.61 -8.36 0.64
CA ILE H 55 27.30 -8.09 -0.62
C ILE H 55 27.31 -9.32 -1.50
N HIS H 56 27.74 -10.45 -0.94
CA HIS H 56 27.83 -11.68 -1.72
C HIS H 56 26.48 -12.04 -2.34
N ASN H 57 25.40 -11.93 -1.57
CA ASN H 57 24.09 -12.25 -2.11
C ASN H 57 23.62 -11.17 -3.09
N LYS H 58 23.96 -9.91 -2.84
CA LYS H 58 23.64 -8.86 -3.80
C LYS H 58 24.24 -9.16 -5.17
N ASN H 59 25.51 -9.55 -5.20
CA ASN H 59 26.18 -9.83 -6.47
C ASN H 59 25.51 -10.98 -7.21
N GLU H 60 25.01 -11.98 -6.49
CA GLU H 60 24.31 -13.06 -7.15
C GLU H 60 22.95 -12.61 -7.69
N GLU H 61 22.31 -11.64 -7.02
CA GLU H 61 21.07 -11.10 -7.56
C GLU H 61 21.32 -10.36 -8.87
N VAL H 62 22.43 -9.64 -8.96
CA VAL H 62 22.81 -9.03 -10.24
C VAL H 62 22.90 -10.10 -11.33
N GLU H 63 23.54 -11.22 -11.00
CA GLU H 63 23.67 -12.31 -11.97
C GLU H 63 22.31 -12.83 -12.40
N HIS H 64 21.43 -13.12 -11.43
CA HIS H 64 20.07 -13.52 -11.77
C HIS H 64 19.42 -12.47 -12.67
N ALA H 65 19.64 -11.19 -12.37
CA ALA H 65 19.02 -10.13 -13.16
C ALA H 65 19.44 -10.21 -14.61
N MET H 66 20.76 -10.29 -14.86
CA MET H 66 21.23 -10.31 -16.23
C MET H 66 20.85 -11.60 -16.94
N MET H 67 20.72 -12.71 -16.18
CA MET H 67 20.18 -13.93 -16.77
C MET H 67 18.78 -13.69 -17.31
N THR H 68 17.89 -13.12 -16.49
CA THR H 68 16.55 -12.83 -16.94
C THR H 68 16.55 -11.88 -18.14
N LEU H 69 17.40 -10.86 -18.09
CA LEU H 69 17.43 -9.88 -19.17
C LEU H 69 17.82 -10.53 -20.49
N GLU H 70 18.81 -11.43 -20.46
CA GLU H 70 19.19 -12.13 -21.68
C GLU H 70 18.02 -12.92 -22.24
N TRP H 71 17.29 -13.64 -21.38
CA TRP H 71 16.12 -14.36 -21.85
C TRP H 71 15.16 -13.42 -22.57
N ILE H 72 14.92 -12.24 -22.00
CA ILE H 72 14.04 -11.26 -22.63
C ILE H 72 14.58 -10.86 -24.00
N ARG H 73 15.89 -10.60 -24.08
CA ARG H 73 16.47 -10.14 -25.34
C ARG H 73 16.21 -11.16 -26.46
N ARG H 74 16.41 -12.44 -26.17
CA ARG H 74 16.31 -13.48 -27.19
C ARG H 74 14.93 -13.60 -27.79
N ARG H 75 13.92 -12.94 -27.21
CA ARG H 75 12.57 -13.00 -27.74
C ARG H 75 11.96 -11.63 -27.99
N SER H 76 12.70 -10.55 -27.78
CA SER H 76 12.19 -9.19 -27.97
C SER H 76 13.11 -8.45 -28.94
N PRO H 77 12.70 -8.26 -30.19
CA PRO H 77 13.54 -7.49 -31.13
C PRO H 77 13.76 -6.05 -30.70
N VAL H 78 12.83 -5.46 -29.95
CA VAL H 78 13.02 -4.07 -29.52
C VAL H 78 14.07 -3.99 -28.42
N PHE H 79 14.06 -4.93 -27.48
CA PHE H 79 15.13 -4.99 -26.49
C PHE H 79 16.48 -5.23 -27.16
N ASP H 80 16.53 -6.14 -28.14
CA ASP H 80 17.79 -6.44 -28.80
C ASP H 80 18.34 -5.21 -29.51
N ALA H 81 17.48 -4.52 -30.26
CA ALA H 81 17.92 -3.33 -30.99
C ALA H 81 18.49 -2.28 -30.06
N HIS H 82 17.73 -1.92 -29.01
CA HIS H 82 18.19 -0.86 -28.12
C HIS H 82 19.39 -1.31 -27.29
N MET H 83 19.45 -2.59 -26.93
CA MET H 83 20.61 -3.09 -26.20
C MET H 83 21.87 -2.98 -27.04
N ARG H 84 21.75 -3.22 -28.35
CA ARG H 84 22.91 -3.08 -29.22
C ARG H 84 23.36 -1.64 -29.34
N THR H 85 22.45 -0.68 -29.19
CA THR H 85 22.81 0.73 -29.32
C THR H 85 23.62 1.21 -28.12
N TYR H 86 23.20 0.87 -26.90
CA TYR H 86 23.71 1.54 -25.71
C TYR H 86 24.66 0.72 -24.87
N LEU H 87 24.53 -0.61 -24.85
CA LEU H 87 25.33 -1.42 -23.93
C LEU H 87 26.75 -1.62 -24.44
N PHE H 88 27.70 -1.56 -23.51
CA PHE H 88 29.12 -1.80 -23.80
C PHE H 88 29.67 -0.74 -24.76
N THR H 89 29.40 0.52 -24.44
CA THR H 89 29.87 1.66 -25.21
C THR H 89 30.71 2.57 -24.31
N GLU H 90 31.20 3.67 -24.88
CA GLU H 90 32.06 4.58 -24.15
C GLU H 90 31.74 6.06 -24.33
N ARG H 91 31.15 6.46 -25.46
CA ARG H 91 30.78 7.86 -25.69
C ARG H 91 29.72 8.30 -24.68
N PRO H 92 29.47 9.60 -24.54
CA PRO H 92 28.34 10.04 -23.71
C PRO H 92 27.04 9.37 -24.15
N ILE H 93 26.27 8.92 -23.16
CA ILE H 93 25.13 8.05 -23.44
C ILE H 93 24.17 8.72 -24.43
N LEU H 94 23.96 10.02 -24.28
CA LEU H 94 23.00 10.71 -25.14
C LEU H 94 23.52 10.87 -26.57
N GLU H 95 24.83 10.87 -26.78
CA GLU H 95 25.37 10.95 -28.13
C GLU H 95 25.08 9.70 -28.95
N LEU H 96 24.61 8.62 -28.32
CA LEU H 96 24.32 7.38 -29.02
C LEU H 96 22.87 7.36 -29.48
N GLN I 6 1.05 12.01 8.61
CA GLN I 6 0.35 11.67 7.38
C GLN I 6 0.20 12.90 6.48
N LEU I 7 0.74 14.02 6.93
CA LEU I 7 0.73 15.23 6.12
C LEU I 7 1.42 14.97 4.79
N HIS I 8 0.92 15.60 3.73
CA HIS I 8 1.61 15.61 2.44
C HIS I 8 2.64 16.73 2.35
N GLU I 9 2.80 17.50 3.41
CA GLU I 9 3.79 18.57 3.49
C GLU I 9 4.39 18.54 4.88
N PRO I 10 5.61 19.06 5.04
CA PRO I 10 6.20 19.11 6.39
C PRO I 10 5.46 20.07 7.29
N ALA I 11 5.41 19.73 8.58
CA ALA I 11 4.57 20.47 9.53
C ALA I 11 4.99 21.93 9.64
N GLU I 12 6.27 22.23 9.48
CA GLU I 12 6.76 23.59 9.65
C GLU I 12 6.29 24.55 8.55
N LEU I 13 5.74 24.04 7.46
CA LEU I 13 5.17 24.88 6.42
C LEU I 13 3.65 24.98 6.50
N LEU I 14 3.03 24.41 7.53
CA LEU I 14 1.58 24.40 7.68
C LEU I 14 1.18 25.19 8.91
N SER I 15 0.18 26.06 8.74
CA SER I 15 -0.37 26.77 9.89
C SER I 15 -1.05 25.79 10.84
N GLU I 16 -1.37 26.27 12.04
CA GLU I 16 -2.10 25.44 13.00
C GLU I 16 -3.51 25.17 12.51
N GLU I 17 -4.14 26.15 11.86
CA GLU I 17 -5.52 25.97 11.38
C GLU I 17 -5.59 24.84 10.38
N THR I 18 -4.65 24.79 9.44
CA THR I 18 -4.62 23.71 8.45
C THR I 18 -4.40 22.37 9.13
N LYS I 19 -3.48 22.32 10.10
CA LYS I 19 -3.19 21.05 10.76
C LYS I 19 -4.38 20.55 11.56
N ASN I 20 -5.11 21.45 12.24
CA ASN I 20 -6.32 21.04 12.95
C ASN I 20 -7.41 20.58 11.98
N MET I 21 -7.59 21.34 10.90
CA MET I 21 -8.56 20.93 9.88
C MET I 21 -8.20 19.57 9.31
N HIS I 22 -6.90 19.31 9.12
CA HIS I 22 -6.47 17.98 8.69
C HIS I 22 -6.93 16.91 9.68
N ARG I 23 -6.76 17.17 10.97
CA ARG I 23 -7.13 16.18 11.98
C ARG I 23 -8.63 15.90 11.96
N ALA I 24 -9.45 16.93 11.74
CA ALA I 24 -10.89 16.73 11.65
C ALA I 24 -11.27 16.01 10.37
N LEU I 25 -10.61 16.35 9.26
CA LEU I 25 -10.98 15.76 7.98
C LEU I 25 -10.66 14.27 7.94
N VAL I 26 -9.49 13.86 8.42
CA VAL I 26 -9.15 12.44 8.41
C VAL I 26 -10.06 11.68 9.37
N THR I 27 -10.41 12.29 10.50
CA THR I 27 -11.38 11.67 11.41
C THR I 27 -12.71 11.45 10.71
N LEU I 28 -13.24 12.48 10.05
CA LEU I 28 -14.49 12.33 9.31
C LEU I 28 -14.36 11.25 8.25
N ILE I 29 -13.23 11.24 7.53
CA ILE I 29 -13.00 10.24 6.48
C ILE I 29 -13.05 8.83 7.05
N GLU I 30 -12.34 8.60 8.15
CA GLU I 30 -12.31 7.28 8.77
C GLU I 30 -13.70 6.84 9.18
N GLU I 31 -14.49 7.75 9.75
CA GLU I 31 -15.83 7.40 10.19
C GLU I 31 -16.72 7.06 9.00
N LEU I 32 -16.61 7.80 7.90
CA LEU I 32 -17.39 7.49 6.72
C LEU I 32 -16.97 6.15 6.11
N GLU I 33 -15.68 5.82 6.19
CA GLU I 33 -15.24 4.51 5.71
C GLU I 33 -15.88 3.40 6.53
N ALA I 34 -15.93 3.56 7.86
CA ALA I 34 -16.58 2.56 8.70
C ALA I 34 -18.05 2.40 8.32
N VAL I 35 -18.74 3.50 8.05
CA VAL I 35 -20.14 3.43 7.64
C VAL I 35 -20.29 2.52 6.43
N ASP I 36 -19.44 2.72 5.43
CA ASP I 36 -19.49 1.88 4.24
C ASP I 36 -19.18 0.42 4.58
N TRP I 37 -18.08 0.20 5.29
CA TRP I 37 -17.62 -1.16 5.55
C TRP I 37 -18.58 -1.95 6.44
N TYR I 38 -19.13 -1.29 7.47
CA TYR I 38 -20.03 -2.01 8.37
C TYR I 38 -21.31 -2.42 7.66
N GLN I 39 -21.84 -1.56 6.79
CA GLN I 39 -23.04 -1.90 6.04
C GLN I 39 -22.78 -3.08 5.10
N GLN I 40 -21.61 -3.08 4.45
CA GLN I 40 -21.27 -4.21 3.57
C GLN I 40 -21.23 -5.51 4.35
N ARG I 41 -20.58 -5.50 5.52
CA ARG I 41 -20.44 -6.73 6.29
C ARG I 41 -21.78 -7.20 6.85
N ALA I 42 -22.67 -6.27 7.21
CA ALA I 42 -23.98 -6.65 7.71
C ALA I 42 -24.83 -7.29 6.62
N ASP I 43 -24.75 -6.77 5.38
CA ASP I 43 -25.44 -7.40 4.26
C ASP I 43 -24.97 -8.84 4.05
N ALA I 44 -23.65 -9.05 4.13
CA ALA I 44 -23.08 -10.37 3.88
C ALA I 44 -23.11 -11.28 5.10
N CYS I 45 -23.44 -10.76 6.27
CA CYS I 45 -23.37 -11.52 7.52
C CYS I 45 -24.69 -12.23 7.78
N SER I 46 -24.64 -13.55 7.95
CA SER I 46 -25.81 -14.36 8.18
C SER I 46 -25.97 -14.80 9.63
N GLU I 47 -25.22 -14.21 10.57
CA GLU I 47 -25.40 -14.49 11.99
C GLU I 47 -26.17 -13.35 12.63
N PRO I 48 -27.34 -13.62 13.22
CA PRO I 48 -28.19 -12.50 13.70
C PRO I 48 -27.53 -11.62 14.74
N GLY I 49 -26.78 -12.19 15.67
CA GLY I 49 -26.13 -11.38 16.70
C GLY I 49 -25.09 -10.43 16.13
N LEU I 50 -24.27 -10.92 15.20
CA LEU I 50 -23.26 -10.06 14.60
C LEU I 50 -23.90 -8.97 13.75
N HIS I 51 -25.02 -9.29 13.09
CA HIS I 51 -25.67 -8.32 12.23
C HIS I 51 -26.19 -7.12 13.02
N ASP I 52 -26.80 -7.38 14.18
CA ASP I 52 -27.35 -6.31 15.00
C ASP I 52 -26.24 -5.39 15.52
N VAL I 53 -25.09 -5.96 15.85
CA VAL I 53 -23.98 -5.14 16.35
C VAL I 53 -23.43 -4.25 15.23
N LEU I 54 -23.22 -4.84 14.05
CA LEU I 54 -22.70 -4.07 12.91
C LEU I 54 -23.58 -2.87 12.59
N ILE I 55 -24.88 -3.09 12.47
CA ILE I 55 -25.80 -1.99 12.13
C ILE I 55 -25.79 -0.94 13.22
N HIS I 56 -25.92 -1.36 14.48
CA HIS I 56 -25.97 -0.41 15.59
C HIS I 56 -24.73 0.47 15.60
N ASN I 57 -23.55 -0.14 15.46
CA ASN I 57 -22.32 0.64 15.52
C ASN I 57 -22.11 1.47 14.25
N LYS I 58 -22.57 0.97 13.11
CA LYS I 58 -22.57 1.79 11.90
C LYS I 58 -23.29 3.11 12.15
N ASN I 59 -24.47 3.03 12.77
CA ASN I 59 -25.28 4.23 12.98
C ASN I 59 -24.59 5.20 13.92
N GLU I 60 -23.85 4.70 14.92
CA GLU I 60 -23.08 5.59 15.77
C GLU I 60 -21.87 6.17 15.05
N GLU I 61 -21.41 5.52 13.99
CA GLU I 61 -20.35 6.11 13.17
C GLU I 61 -20.91 7.24 12.32
N VAL I 62 -22.15 7.11 11.84
CA VAL I 62 -22.81 8.23 11.19
C VAL I 62 -22.88 9.42 12.13
N GLU I 63 -23.24 9.17 13.39
CA GLU I 63 -23.36 10.26 14.35
C GLU I 63 -22.02 10.92 14.61
N HIS I 64 -20.97 10.12 14.79
CA HIS I 64 -19.63 10.69 14.93
C HIS I 64 -19.26 11.53 13.72
N ALA I 65 -19.55 11.02 12.53
CA ALA I 65 -19.22 11.75 11.30
C ALA I 65 -19.90 13.11 11.29
N MET I 66 -21.20 13.15 11.60
CA MET I 66 -21.91 14.42 11.56
C MET I 66 -21.49 15.34 12.69
N MET I 67 -21.09 14.78 13.84
CA MET I 67 -20.48 15.60 14.88
C MET I 67 -19.23 16.30 14.36
N THR I 68 -18.35 15.55 13.68
CA THR I 68 -17.12 16.13 13.16
C THR I 68 -17.43 17.17 12.07
N LEU I 69 -18.40 16.88 11.21
CA LEU I 69 -18.71 17.80 10.12
C LEU I 69 -19.21 19.13 10.65
N GLU I 70 -20.00 19.11 11.73
CA GLU I 70 -20.49 20.36 12.31
C GLU I 70 -19.34 21.16 12.89
N TRP I 71 -18.38 20.49 13.52
CA TRP I 71 -17.19 21.18 14.02
C TRP I 71 -16.45 21.87 12.88
N ILE I 72 -16.38 21.22 11.71
CA ILE I 72 -15.72 21.82 10.56
C ILE I 72 -16.53 23.00 10.04
N ARG I 73 -17.86 22.86 9.99
CA ARG I 73 -18.71 23.95 9.51
C ARG I 73 -18.51 25.21 10.34
N ARG I 74 -18.31 25.06 11.66
CA ARG I 74 -18.21 26.19 12.56
C ARG I 74 -16.88 26.94 12.44
N ARG I 75 -15.90 26.37 11.73
CA ARG I 75 -14.63 27.04 11.49
C ARG I 75 -14.33 27.24 10.01
N SER I 76 -15.25 26.90 9.12
CA SER I 76 -15.04 27.01 7.69
C SER I 76 -16.20 27.75 7.03
N PRO I 77 -16.05 29.03 6.70
CA PRO I 77 -17.09 29.72 5.94
C PRO I 77 -17.46 29.03 4.64
N VAL I 78 -16.50 28.39 3.98
CA VAL I 78 -16.78 27.75 2.69
C VAL I 78 -17.70 26.54 2.88
N PHE I 79 -17.39 25.70 3.87
CA PHE I 79 -18.30 24.60 4.19
C PHE I 79 -19.68 25.12 4.54
N ASP I 80 -19.74 26.17 5.37
CA ASP I 80 -21.01 26.76 5.74
C ASP I 80 -21.79 27.21 4.51
N ALA I 81 -21.13 27.93 3.60
CA ALA I 81 -21.80 28.45 2.41
C ALA I 81 -22.37 27.31 1.56
N HIS I 82 -21.57 26.28 1.29
CA HIS I 82 -22.01 25.20 0.42
C HIS I 82 -23.02 24.29 1.12
N MET I 83 -22.94 24.16 2.44
CA MET I 83 -23.93 23.35 3.16
C MET I 83 -25.31 24.00 3.13
N ARG I 84 -25.37 25.33 3.25
CA ARG I 84 -26.65 26.01 3.17
C ARG I 84 -27.29 25.90 1.79
N THR I 85 -26.50 25.69 0.74
CA THR I 85 -27.06 25.61 -0.61
C THR I 85 -27.69 24.26 -0.88
N TYR I 86 -27.10 23.17 -0.37
CA TYR I 86 -27.44 21.84 -0.83
C TYR I 86 -28.13 20.96 0.21
N LEU I 87 -27.85 21.15 1.50
CA LEU I 87 -28.38 20.23 2.50
C LEU I 87 -29.81 20.59 2.86
N PHE I 88 -30.65 19.55 2.98
CA PHE I 88 -32.06 19.68 3.34
C PHE I 88 -32.84 20.42 2.25
N THR I 89 -32.72 19.94 1.02
CA THR I 89 -33.43 20.51 -0.12
C THR I 89 -34.27 19.42 -0.77
N GLU I 90 -35.05 19.82 -1.77
CA GLU I 90 -36.00 18.92 -2.41
C GLU I 90 -35.80 18.87 -3.92
N ARG I 91 -35.41 20.00 -4.52
CA ARG I 91 -35.23 20.06 -5.96
C ARG I 91 -34.08 19.15 -6.40
N PRO I 92 -34.01 18.81 -7.68
CA PRO I 92 -32.85 18.07 -8.18
C PRO I 92 -31.55 18.78 -7.81
N ILE I 93 -30.59 17.99 -7.33
CA ILE I 93 -29.38 18.55 -6.72
C ILE I 93 -28.70 19.53 -7.67
N LEU I 94 -28.60 19.18 -8.95
CA LEU I 94 -27.89 20.04 -9.89
C LEU I 94 -28.62 21.34 -10.19
N GLU I 95 -29.84 21.52 -9.70
CA GLU I 95 -30.59 22.75 -9.95
C GLU I 95 -30.36 23.82 -8.89
N LEU I 96 -29.73 23.48 -7.77
CA LEU I 96 -29.45 24.44 -6.72
C LEU I 96 -28.21 25.27 -7.06
N GLN J 6 -6.88 -2.49 -12.16
CA GLN J 6 -7.13 -1.57 -11.06
C GLN J 6 -8.46 -0.84 -11.23
N LEU J 7 -9.35 -1.41 -12.03
CA LEU J 7 -10.70 -0.88 -12.16
C LEU J 7 -11.39 -0.87 -10.80
N HIS J 8 -12.13 0.20 -10.53
CA HIS J 8 -12.90 0.31 -9.29
C HIS J 8 -14.27 -0.35 -9.38
N GLU J 9 -14.66 -0.83 -10.56
CA GLU J 9 -15.90 -1.55 -10.78
C GLU J 9 -15.62 -2.76 -11.64
N PRO J 10 -16.45 -3.79 -11.57
CA PRO J 10 -16.24 -4.96 -12.43
C PRO J 10 -16.44 -4.60 -13.89
N ALA J 11 -15.57 -5.14 -14.75
CA ALA J 11 -15.55 -4.75 -16.15
C ALA J 11 -16.89 -4.95 -16.82
N GLU J 12 -17.72 -5.85 -16.31
CA GLU J 12 -19.01 -6.12 -16.94
C GLU J 12 -19.94 -4.92 -16.87
N LEU J 13 -19.79 -4.09 -15.85
CA LEU J 13 -20.65 -2.93 -15.65
C LEU J 13 -20.13 -1.67 -16.32
N LEU J 14 -19.04 -1.76 -17.09
CA LEU J 14 -18.40 -0.61 -17.70
C LEU J 14 -18.52 -0.68 -19.21
N SER J 15 -18.76 0.46 -19.84
CA SER J 15 -18.80 0.54 -21.29
C SER J 15 -17.40 0.40 -21.88
N GLU J 16 -17.34 0.18 -23.19
CA GLU J 16 -16.06 0.09 -23.87
C GLU J 16 -15.31 1.42 -23.83
N GLU J 17 -16.03 2.52 -24.05
CA GLU J 17 -15.38 3.83 -24.03
C GLU J 17 -14.74 4.11 -22.69
N THR J 18 -15.44 3.77 -21.61
CA THR J 18 -14.90 4.00 -20.27
C THR J 18 -13.61 3.22 -20.04
N LYS J 19 -13.61 1.95 -20.41
CA LYS J 19 -12.45 1.11 -20.15
C LYS J 19 -11.24 1.57 -20.98
N ASN J 20 -11.46 2.03 -22.20
CA ASN J 20 -10.36 2.56 -23.00
C ASN J 20 -9.90 3.91 -22.46
N MET J 21 -10.83 4.72 -21.95
CA MET J 21 -10.44 5.97 -21.31
C MET J 21 -9.64 5.70 -20.05
N HIS J 22 -10.05 4.71 -19.26
CA HIS J 22 -9.26 4.27 -18.13
C HIS J 22 -7.83 3.92 -18.54
N ARG J 23 -7.68 3.14 -19.61
CA ARG J 23 -6.35 2.73 -20.05
C ARG J 23 -5.49 3.94 -20.44
N ALA J 24 -6.09 4.93 -21.09
CA ALA J 24 -5.34 6.12 -21.47
C ALA J 24 -5.08 7.02 -20.27
N LEU J 25 -6.03 7.10 -19.33
CA LEU J 25 -5.86 7.99 -18.19
C LEU J 25 -4.78 7.49 -17.24
N VAL J 26 -4.75 6.18 -16.97
CA VAL J 26 -3.70 5.65 -16.10
C VAL J 26 -2.34 5.74 -16.79
N THR J 27 -2.30 5.57 -18.12
CA THR J 27 -1.06 5.79 -18.85
C THR J 27 -0.57 7.22 -18.69
N LEU J 28 -1.47 8.19 -18.87
CA LEU J 28 -1.11 9.59 -18.67
C LEU J 28 -0.64 9.84 -17.23
N ILE J 29 -1.33 9.25 -16.26
CA ILE J 29 -0.96 9.42 -14.86
C ILE J 29 0.44 8.89 -14.60
N GLU J 30 0.74 7.70 -15.12
CA GLU J 30 2.06 7.11 -14.91
C GLU J 30 3.15 7.95 -15.56
N GLU J 31 2.83 8.61 -16.66
CA GLU J 31 3.83 9.44 -17.33
C GLU J 31 4.07 10.73 -16.57
N LEU J 32 3.00 11.38 -16.09
CA LEU J 32 3.18 12.55 -15.24
C LEU J 32 3.91 12.20 -13.95
N GLU J 33 3.69 11.00 -13.42
CA GLU J 33 4.42 10.59 -12.23
C GLU J 33 5.92 10.47 -12.49
N ALA J 34 6.29 9.93 -13.66
CA ALA J 34 7.70 9.83 -13.99
C ALA J 34 8.33 11.21 -14.22
N VAL J 35 7.55 12.15 -14.78
CA VAL J 35 8.05 13.51 -14.95
C VAL J 35 8.43 14.10 -13.60
N ASP J 36 7.57 13.95 -12.61
CA ASP J 36 7.88 14.46 -11.27
C ASP J 36 9.11 13.75 -10.71
N TRP J 37 9.11 12.41 -10.73
CA TRP J 37 10.17 11.66 -10.06
C TRP J 37 11.52 11.88 -10.72
N TYR J 38 11.57 11.92 -12.05
CA TYR J 38 12.84 12.12 -12.73
C TYR J 38 13.43 13.50 -12.43
N GLN J 39 12.58 14.54 -12.39
CA GLN J 39 13.07 15.87 -12.09
C GLN J 39 13.63 15.95 -10.68
N GLN J 40 12.97 15.26 -9.73
CA GLN J 40 13.48 15.23 -8.37
C GLN J 40 14.84 14.55 -8.31
N ARG J 41 15.00 13.44 -9.02
CA ARG J 41 16.25 12.69 -8.96
C ARG J 41 17.39 13.44 -9.65
N ALA J 42 17.08 14.19 -10.71
CA ALA J 42 18.11 14.97 -11.37
C ALA J 42 18.58 16.10 -10.46
N ASP J 43 17.66 16.72 -9.72
CA ASP J 43 18.05 17.76 -8.78
C ASP J 43 19.01 17.22 -7.73
N ALA J 44 18.75 16.03 -7.20
CA ALA J 44 19.54 15.46 -6.13
C ALA J 44 20.74 14.65 -6.61
N CYS J 45 20.82 14.33 -7.90
CA CYS J 45 21.90 13.50 -8.41
C CYS J 45 23.11 14.37 -8.75
N SER J 46 24.28 13.92 -8.30
CA SER J 46 25.53 14.65 -8.50
C SER J 46 26.40 14.06 -9.61
N GLU J 47 26.00 12.96 -10.24
CA GLU J 47 26.76 12.38 -11.34
CA GLU J 47 26.75 12.37 -11.33
C GLU J 47 26.32 13.01 -12.65
N PRO J 48 27.22 13.69 -13.38
CA PRO J 48 26.80 14.38 -14.62
C PRO J 48 26.15 13.46 -15.65
N GLY J 49 26.69 12.25 -15.85
CA GLY J 49 26.12 11.35 -16.84
C GLY J 49 24.69 10.96 -16.51
N LEU J 50 24.43 10.60 -15.24
CA LEU J 50 23.08 10.21 -14.86
C LEU J 50 22.12 11.39 -14.92
N HIS J 51 22.60 12.60 -14.63
CA HIS J 51 21.73 13.77 -14.68
C HIS J 51 21.22 14.00 -16.10
N ASP J 52 22.11 13.91 -17.08
CA ASP J 52 21.70 14.18 -18.46
C ASP J 52 20.68 13.15 -18.94
N VAL J 53 20.83 11.89 -18.51
CA VAL J 53 19.89 10.86 -18.94
C VAL J 53 18.53 11.09 -18.29
N LEU J 54 18.52 11.42 -16.99
CA LEU J 54 17.26 11.68 -16.29
C LEU J 54 16.48 12.81 -16.94
N ILE J 55 17.16 13.92 -17.28
CA ILE J 55 16.48 15.05 -17.88
C ILE J 55 15.98 14.69 -19.28
N HIS J 56 16.83 14.05 -20.08
CA HIS J 56 16.43 13.70 -21.44
C HIS J 56 15.20 12.81 -21.45
N ASN J 57 15.19 11.80 -20.59
CA ASN J 57 14.07 10.87 -20.59
C ASN J 57 12.85 11.46 -19.90
N LYS J 58 13.05 12.35 -18.93
CA LYS J 58 11.93 13.13 -18.38
C LYS J 58 11.19 13.85 -19.50
N ASN J 59 11.95 14.53 -20.37
CA ASN J 59 11.32 15.33 -21.42
C ASN J 59 10.56 14.45 -22.41
N GLU J 60 11.02 13.22 -22.63
CA GLU J 60 10.25 12.31 -23.47
C GLU J 60 9.03 11.75 -22.75
N GLU J 61 9.02 11.73 -21.41
CA GLU J 61 7.80 11.39 -20.70
C GLU J 61 6.76 12.49 -20.84
N VAL J 62 7.20 13.75 -20.83
CA VAL J 62 6.28 14.85 -21.13
C VAL J 62 5.66 14.65 -22.51
N GLU J 63 6.50 14.32 -23.50
CA GLU J 63 5.99 14.11 -24.86
C GLU J 63 4.95 12.98 -24.89
N HIS J 64 5.28 11.84 -24.28
CA HIS J 64 4.33 10.74 -24.21
C HIS J 64 3.03 11.19 -23.56
N ALA J 65 3.12 11.97 -22.48
CA ALA J 65 1.93 12.41 -21.78
C ALA J 65 1.07 13.29 -22.67
N MET J 66 1.68 14.23 -23.39
CA MET J 66 0.90 15.11 -24.25
C MET J 66 0.37 14.38 -25.47
N MET J 67 1.04 13.32 -25.91
CA MET J 67 0.46 12.45 -26.93
C MET J 67 -0.81 11.79 -26.40
N THR J 68 -0.74 11.24 -25.19
CA THR J 68 -1.91 10.58 -24.62
C THR J 68 -3.04 11.56 -24.39
N LEU J 69 -2.70 12.78 -23.97
CA LEU J 69 -3.72 13.78 -23.72
C LEU J 69 -4.42 14.19 -25.01
N GLU J 70 -3.66 14.32 -26.10
CA GLU J 70 -4.29 14.63 -27.39
C GLU J 70 -5.26 13.51 -27.79
N TRP J 71 -4.89 12.26 -27.52
CA TRP J 71 -5.80 11.16 -27.83
C TRP J 71 -7.08 11.26 -27.02
N ILE J 72 -6.97 11.70 -25.75
CA ILE J 72 -8.16 11.84 -24.92
C ILE J 72 -9.02 13.00 -25.41
N ARG J 73 -8.41 14.16 -25.66
CA ARG J 73 -9.16 15.31 -26.15
C ARG J 73 -10.00 14.96 -27.37
N ARG J 74 -9.49 14.09 -28.24
CA ARG J 74 -10.19 13.75 -29.47
C ARG J 74 -11.40 12.86 -29.23
N ARG J 75 -11.52 12.24 -28.05
CA ARG J 75 -12.68 11.43 -27.69
C ARG J 75 -13.61 12.11 -26.71
N SER J 76 -13.17 13.19 -26.06
CA SER J 76 -13.92 13.78 -24.95
C SER J 76 -14.22 15.25 -25.22
N PRO J 77 -15.47 15.61 -25.52
CA PRO J 77 -15.79 17.05 -25.69
C PRO J 77 -15.56 17.86 -24.43
N VAL J 78 -15.58 17.24 -23.25
CA VAL J 78 -15.39 18.00 -22.02
C VAL J 78 -13.93 18.43 -21.91
N PHE J 79 -13.00 17.49 -22.12
CA PHE J 79 -11.59 17.85 -22.18
C PHE J 79 -11.37 18.93 -23.23
N ASP J 80 -11.92 18.71 -24.43
CA ASP J 80 -11.73 19.68 -25.51
C ASP J 80 -12.24 21.07 -25.10
N ALA J 81 -13.47 21.12 -24.59
CA ALA J 81 -14.05 22.41 -24.20
C ALA J 81 -13.23 23.10 -23.13
N HIS J 82 -12.81 22.35 -22.10
CA HIS J 82 -12.04 22.96 -21.02
C HIS J 82 -10.62 23.31 -21.47
N MET J 83 -10.04 22.51 -22.38
CA MET J 83 -8.71 22.81 -22.89
C MET J 83 -8.70 24.10 -23.70
N ARG J 84 -9.73 24.32 -24.52
CA ARG J 84 -9.83 25.58 -25.26
C ARG J 84 -9.93 26.77 -24.31
N THR J 85 -10.53 26.58 -23.13
CA THR J 85 -10.75 27.72 -22.24
C THR J 85 -9.45 28.14 -21.55
N TYR J 86 -8.60 27.17 -21.19
CA TYR J 86 -7.48 27.47 -20.30
C TYR J 86 -6.11 27.36 -20.95
N LEU J 87 -5.92 26.51 -21.95
CA LEU J 87 -4.59 26.25 -22.47
C LEU J 87 -4.17 27.32 -23.47
N PHE J 88 -2.90 27.72 -23.40
CA PHE J 88 -2.32 28.75 -24.27
C PHE J 88 -3.05 30.08 -24.10
N THR J 89 -2.91 30.62 -22.89
CA THR J 89 -3.57 31.86 -22.50
C THR J 89 -2.61 32.72 -21.69
N GLU J 90 -3.03 33.95 -21.41
CA GLU J 90 -2.19 34.92 -20.70
C GLU J 90 -2.82 35.44 -19.42
N ARG J 91 -4.14 35.64 -19.40
CA ARG J 91 -4.79 36.23 -18.23
C ARG J 91 -4.51 35.38 -16.99
N PRO J 92 -4.71 35.95 -15.80
CA PRO J 92 -4.68 35.12 -14.58
C PRO J 92 -5.65 33.95 -14.72
N ILE J 93 -5.18 32.77 -14.31
CA ILE J 93 -5.89 31.53 -14.65
C ILE J 93 -7.35 31.60 -14.21
N LEU J 94 -7.62 32.18 -13.05
CA LEU J 94 -9.00 32.20 -12.54
C LEU J 94 -9.89 33.18 -13.30
N GLU J 95 -9.32 34.17 -13.99
CA GLU J 95 -10.13 35.11 -14.76
C GLU J 95 -10.61 34.54 -16.08
N LEU J 96 -10.26 33.29 -16.40
CA LEU J 96 -10.67 32.66 -17.64
C LEU J 96 -12.00 31.92 -17.54
N GLU J 97 -12.75 32.15 -16.45
CA GLU J 97 -14.02 31.48 -16.18
C GLU J 97 -13.78 30.16 -15.45
NA NA K . -7.73 -20.93 32.25
#